data_4EZ1
#
_entry.id   4EZ1
#
_cell.length_a   68.437
_cell.length_b   78.636
_cell.length_c   117.636
_cell.angle_alpha   90.00
_cell.angle_beta   93.20
_cell.angle_gamma   90.00
#
_symmetry.space_group_name_H-M   'P 1 21 1'
#
loop_
_entity.id
_entity.type
_entity.pdbx_description
1 polymer 'Soluble acetylcholine receptor'
2 polymer 'Alpha-conotoxin BuIA'
3 non-polymer 'MANGANESE (II) ION'
4 water water
#
loop_
_entity_poly.entity_id
_entity_poly.type
_entity_poly.pdbx_seq_one_letter_code
_entity_poly.pdbx_strand_id
1 'polypeptide(L)'
;DYKDDDDKLHSQANLMRLKSDLFNRSPMYPGPTKDDPLTVTLGFTLQDIVKADSSTNEVDLVYYEQQRWKLNSLMWDPNE
YGNITDFRTSAADIWTPDITAYSSTRPVQVLSPQIAVVTHDGSVMFIPAQRLSFMCDPTGVDSEEGATCAVKFGSWVYSG
FEIDLKTDTDQVDLSSYYASSKYEILSATQTRQVQHYSCCPEPYIDVNLVVKFRERRAGNGFFRNLFDSR
;
A,B,C,D,E
2 'polypeptide(L)' GCCSTPPCAVLYC(NH2) K,L,M,N,O
#
# COMPACT_ATOMS: atom_id res chain seq x y z
N LEU A 9 -22.38 -8.08 30.76
CA LEU A 9 -21.64 -6.80 30.55
C LEU A 9 -20.61 -6.55 31.65
N HIS A 10 -20.70 -7.32 32.74
CA HIS A 10 -19.71 -7.23 33.82
C HIS A 10 -18.38 -7.88 33.43
N SER A 11 -18.47 -8.96 32.64
CA SER A 11 -17.29 -9.63 32.08
C SER A 11 -16.54 -8.68 31.14
N GLN A 12 -17.28 -7.94 30.33
CA GLN A 12 -16.70 -6.98 29.41
C GLN A 12 -15.84 -5.94 30.11
N ALA A 13 -16.40 -5.33 31.16
CA ALA A 13 -15.69 -4.29 31.91
C ALA A 13 -14.46 -4.88 32.60
N ASN A 14 -14.58 -6.13 33.03
CA ASN A 14 -13.41 -6.82 33.53
C ASN A 14 -12.28 -6.98 32.50
N LEU A 15 -12.65 -7.36 31.28
CA LEU A 15 -11.67 -7.50 30.22
C LEU A 15 -11.03 -6.15 29.90
N MET A 16 -11.86 -5.13 29.77
CA MET A 16 -11.39 -3.77 29.58
C MET A 16 -10.46 -3.33 30.70
N ARG A 17 -10.73 -3.79 31.93
CA ARG A 17 -9.87 -3.43 33.04
C ARG A 17 -8.55 -4.16 32.95
N LEU A 18 -8.60 -5.44 32.64
CA LEU A 18 -7.39 -6.25 32.51
C LEU A 18 -6.48 -5.71 31.39
N LYS A 19 -7.06 -5.43 30.21
CA LYS A 19 -6.28 -4.92 29.08
C LYS A 19 -5.53 -3.61 29.40
N SER A 20 -6.23 -2.63 29.97
CA SER A 20 -5.60 -1.34 30.35
C SER A 20 -4.58 -1.48 31.50
N ASP A 21 -4.89 -2.26 32.53
CA ASP A 21 -3.92 -2.54 33.61
C ASP A 21 -2.63 -3.10 33.08
N LEU A 22 -2.60 -3.33 31.77
CA LEU A 22 -1.70 -4.31 31.25
C LEU A 22 -1.19 -3.90 29.90
N MET A 28 6.13 -0.25 29.39
CA MET A 28 6.25 -0.72 28.00
C MET A 28 7.42 -1.72 27.78
N TYR A 29 7.12 -2.97 27.38
CA TYR A 29 8.13 -4.05 27.23
C TYR A 29 9.20 -3.74 26.18
N PRO A 30 10.48 -3.82 26.56
CA PRO A 30 11.57 -3.32 25.69
C PRO A 30 12.08 -4.38 24.75
N GLY A 31 11.63 -5.62 24.89
CA GLY A 31 12.11 -6.72 24.08
C GLY A 31 13.12 -7.47 24.93
N PRO A 32 13.56 -8.64 24.47
CA PRO A 32 14.48 -9.50 25.22
C PRO A 32 15.92 -8.97 25.21
N THR A 33 16.70 -9.32 26.25
CA THR A 33 18.12 -8.92 26.34
C THR A 33 18.97 -10.11 26.77
N LYS A 34 20.30 -9.98 26.71
CA LYS A 34 21.24 -11.02 27.21
C LYS A 34 20.93 -11.37 28.68
N ASP A 35 20.39 -10.41 29.45
CA ASP A 35 20.06 -10.62 30.86
C ASP A 35 18.64 -11.13 31.05
N ASP A 36 17.78 -10.85 30.08
CA ASP A 36 16.43 -11.29 30.17
C ASP A 36 16.02 -11.97 28.86
N PRO A 37 16.63 -13.13 28.56
CA PRO A 37 16.44 -13.77 27.26
C PRO A 37 15.02 -14.27 27.07
N LEU A 38 14.64 -14.58 25.83
CA LEU A 38 13.30 -15.05 25.52
C LEU A 38 13.39 -16.24 24.61
N THR A 39 12.63 -17.28 24.93
CA THR A 39 12.49 -18.43 24.07
C THR A 39 11.23 -18.25 23.18
N VAL A 40 11.42 -18.34 21.87
CA VAL A 40 10.32 -18.37 20.93
C VAL A 40 10.18 -19.77 20.31
N THR A 41 8.99 -20.37 20.42
CA THR A 41 8.78 -21.63 19.74
C THR A 41 8.12 -21.39 18.39
N LEU A 42 8.74 -21.91 17.35
CA LEU A 42 8.29 -21.72 16.02
C LEU A 42 7.83 -23.05 15.38
N GLY A 43 6.76 -23.00 14.57
CA GLY A 43 6.28 -24.17 13.81
C GLY A 43 5.50 -23.81 12.56
N PHE A 44 5.51 -24.68 11.57
CA PHE A 44 4.80 -24.41 10.30
C PHE A 44 3.72 -25.39 9.96
N THR A 45 2.60 -24.87 9.46
CA THR A 45 1.52 -25.67 8.90
C THR A 45 1.53 -25.34 7.42
N LEU A 46 2.02 -26.25 6.57
CA LEU A 46 2.10 -25.95 5.19
C LEU A 46 0.82 -26.28 4.46
N GLN A 47 0.17 -25.30 3.87
CA GLN A 47 -1.11 -25.52 3.15
C GLN A 47 -0.91 -25.85 1.68
N ASP A 48 0.08 -25.25 1.03
CA ASP A 48 0.17 -25.37 -0.40
C ASP A 48 1.52 -24.88 -0.91
N ILE A 49 2.01 -25.58 -1.91
CA ILE A 49 3.08 -25.04 -2.73
C ILE A 49 2.37 -24.56 -4.03
N VAL A 50 2.27 -23.24 -4.17
CA VAL A 50 1.45 -22.65 -5.20
C VAL A 50 2.12 -22.76 -6.56
N LYS A 51 3.41 -22.41 -6.61
CA LYS A 51 4.16 -22.24 -7.84
C LYS A 51 5.67 -22.44 -7.57
N ALA A 52 6.29 -23.15 -8.51
CA ALA A 52 7.71 -23.31 -8.59
C ALA A 52 8.14 -22.71 -9.97
N ASP A 53 8.83 -21.57 -9.94
CA ASP A 53 9.17 -20.85 -11.18
C ASP A 53 10.60 -21.17 -11.58
N SER A 54 10.76 -21.99 -12.60
CA SER A 54 12.11 -22.46 -12.92
C SER A 54 12.81 -21.45 -13.85
N SER A 55 12.11 -20.37 -14.19
CA SER A 55 12.77 -19.33 -15.01
C SER A 55 13.47 -18.32 -14.08
N THR A 56 13.03 -18.20 -12.83
CA THR A 56 13.64 -17.27 -11.86
C THR A 56 14.17 -17.99 -10.63
N ASN A 57 13.91 -19.29 -10.54
CA ASN A 57 14.25 -20.08 -9.37
C ASN A 57 13.64 -19.48 -8.10
N GLU A 58 12.32 -19.36 -8.14
CA GLU A 58 11.53 -18.93 -7.00
C GLU A 58 10.40 -19.91 -6.77
N VAL A 59 10.06 -20.13 -5.50
CA VAL A 59 8.96 -20.99 -5.14
C VAL A 59 8.07 -20.26 -4.17
N ASP A 60 6.77 -20.42 -4.36
CA ASP A 60 5.79 -19.77 -3.46
C ASP A 60 5.08 -20.79 -2.58
N LEU A 61 5.01 -20.50 -1.29
CA LEU A 61 4.37 -21.35 -0.33
C LEU A 61 3.33 -20.58 0.41
N VAL A 62 2.24 -21.27 0.77
CA VAL A 62 1.22 -20.68 1.62
C VAL A 62 1.17 -21.54 2.86
N TYR A 63 1.33 -20.91 4.02
CA TYR A 63 1.48 -21.63 5.27
C TYR A 63 1.00 -20.80 6.44
N TYR A 64 0.71 -21.49 7.56
CA TYR A 64 0.52 -20.82 8.83
C TYR A 64 1.85 -20.87 9.54
N GLU A 65 2.24 -19.77 10.18
CA GLU A 65 3.44 -19.73 10.96
C GLU A 65 3.09 -19.61 12.43
N GLN A 66 3.32 -20.70 13.18
CA GLN A 66 3.02 -20.66 14.60
C GLN A 66 4.17 -20.11 15.41
N GLN A 67 3.87 -19.09 16.20
CA GLN A 67 4.82 -18.53 17.13
C GLN A 67 4.28 -18.56 18.56
N ARG A 68 5.17 -18.84 19.50
CA ARG A 68 4.78 -18.89 20.90
C ARG A 68 5.95 -18.39 21.71
N TRP A 69 5.68 -17.44 22.60
CA TRP A 69 6.65 -16.98 23.57
C TRP A 69 5.99 -16.72 24.91
N LYS A 70 6.76 -16.35 25.93
CA LYS A 70 6.16 -16.08 27.24
C LYS A 70 6.79 -14.92 28.00
N LEU A 71 5.95 -14.00 28.47
CA LEU A 71 6.41 -12.81 29.17
C LEU A 71 5.82 -12.69 30.59
N ASN A 72 6.70 -12.59 31.61
CA ASN A 72 6.25 -12.38 32.98
C ASN A 72 5.39 -11.15 33.13
N SER A 73 5.68 -10.12 32.35
CA SER A 73 4.92 -8.89 32.44
C SER A 73 3.48 -9.10 31.97
N LEU A 74 3.20 -10.23 31.33
CA LEU A 74 1.84 -10.46 30.79
C LEU A 74 1.03 -11.46 31.65
N MET A 75 1.48 -11.66 32.88
CA MET A 75 0.82 -12.54 33.84
C MET A 75 -0.28 -11.84 34.65
N TRP A 76 -1.30 -12.63 35.03
CA TRP A 76 -2.37 -12.18 35.95
C TRP A 76 -3.05 -13.33 36.60
N ASP A 77 -3.63 -13.04 37.76
CA ASP A 77 -4.57 -13.96 38.42
C ASP A 77 -5.97 -13.81 37.81
N PRO A 78 -6.51 -14.89 37.24
CA PRO A 78 -7.89 -14.90 36.75
C PRO A 78 -8.90 -14.47 37.81
N ASN A 79 -8.64 -14.86 39.05
CA ASN A 79 -9.50 -14.49 40.19
C ASN A 79 -9.74 -12.98 40.36
N GLU A 80 -8.71 -12.17 40.11
CA GLU A 80 -8.84 -10.71 40.21
C GLU A 80 -9.59 -10.09 38.99
N TYR A 81 -9.98 -10.93 38.02
CA TYR A 81 -10.59 -10.42 36.77
C TYR A 81 -11.77 -11.29 36.28
N GLY A 82 -12.65 -11.63 37.22
CA GLY A 82 -13.84 -12.42 36.94
C GLY A 82 -13.55 -13.66 36.11
N ASN A 83 -12.46 -14.38 36.44
CA ASN A 83 -12.15 -15.68 35.79
C ASN A 83 -11.75 -15.67 34.27
N ILE A 84 -11.35 -14.50 33.76
CA ILE A 84 -10.76 -14.40 32.40
C ILE A 84 -9.42 -15.16 32.43
N THR A 85 -9.29 -16.17 31.60
CA THR A 85 -8.04 -16.90 31.58
C THR A 85 -7.17 -16.57 30.37
N ASP A 86 -7.79 -15.97 29.36
CA ASP A 86 -7.11 -15.62 28.12
C ASP A 86 -7.82 -14.48 27.44
N PHE A 87 -7.15 -13.80 26.52
CA PHE A 87 -7.83 -12.79 25.69
C PHE A 87 -7.16 -12.59 24.33
N ARG A 88 -7.93 -12.04 23.40
CA ARG A 88 -7.48 -11.77 22.07
C ARG A 88 -7.21 -10.30 21.92
N THR A 89 -6.08 -9.99 21.27
CA THR A 89 -5.73 -8.62 21.00
C THR A 89 -5.00 -8.56 19.66
N SER A 90 -5.08 -7.40 19.03
CA SER A 90 -4.34 -7.16 17.80
C SER A 90 -2.81 -7.25 18.05
N ALA A 91 -2.12 -7.92 17.15
CA ALA A 91 -0.67 -8.06 17.19
C ALA A 91 0.09 -6.73 17.29
N ALA A 92 -0.46 -5.65 16.71
CA ALA A 92 0.16 -4.34 16.86
C ALA A 92 0.13 -3.81 18.33
N ASP A 93 -0.87 -4.18 19.12
CA ASP A 93 -0.90 -3.78 20.52
C ASP A 93 0.21 -4.34 21.40
N ILE A 94 0.91 -5.37 20.93
CA ILE A 94 1.91 -6.03 21.74
C ILE A 94 3.21 -6.14 20.98
N TRP A 95 4.27 -6.45 21.72
CA TRP A 95 5.55 -6.78 21.14
C TRP A 95 5.45 -8.18 20.51
N THR A 96 6.04 -8.35 19.33
CA THR A 96 6.09 -9.66 18.68
C THR A 96 7.54 -9.88 18.23
N PRO A 97 7.99 -11.17 18.10
CA PRO A 97 9.35 -11.45 17.67
C PRO A 97 9.51 -11.16 16.19
N ASP A 98 10.73 -10.85 15.77
CA ASP A 98 11.07 -10.43 14.43
C ASP A 98 11.60 -11.63 13.64
N ILE A 99 10.90 -12.77 13.75
CA ILE A 99 11.31 -13.97 13.07
C ILE A 99 11.06 -13.80 11.58
N THR A 100 12.05 -14.09 10.74
CA THR A 100 11.99 -13.72 9.29
C THR A 100 12.75 -14.75 8.45
N ALA A 101 12.22 -15.02 7.25
CA ALA A 101 12.90 -15.84 6.27
C ALA A 101 14.13 -15.10 5.82
N TYR A 102 15.27 -15.79 5.78
CA TYR A 102 16.55 -15.16 5.47
C TYR A 102 16.83 -15.09 3.98
N SER A 103 16.00 -15.75 3.15
CA SER A 103 16.20 -15.81 1.70
C SER A 103 14.93 -15.66 0.88
N SER A 104 13.98 -14.89 1.35
CA SER A 104 12.84 -14.54 0.52
C SER A 104 13.30 -13.69 -0.64
N THR A 105 12.51 -13.70 -1.72
CA THR A 105 12.77 -12.85 -2.85
C THR A 105 11.67 -11.82 -3.02
N ARG A 106 10.58 -11.90 -2.23
CA ARG A 106 9.50 -10.91 -2.28
C ARG A 106 9.07 -10.60 -0.86
N PRO A 107 8.49 -9.38 -0.62
CA PRO A 107 7.93 -9.08 0.74
C PRO A 107 6.85 -10.09 1.06
N VAL A 108 6.83 -10.61 2.28
CA VAL A 108 5.90 -11.65 2.64
C VAL A 108 4.48 -11.07 2.66
N GLN A 109 3.53 -11.79 2.07
CA GLN A 109 2.13 -11.36 2.05
C GLN A 109 1.37 -12.03 3.19
N VAL A 110 0.70 -11.22 3.99
CA VAL A 110 -0.10 -11.67 5.10
C VAL A 110 -1.53 -11.93 4.60
N LEU A 111 -2.08 -13.10 4.90
CA LEU A 111 -3.32 -13.54 4.31
C LEU A 111 -4.44 -13.50 5.32
N SER A 112 -4.15 -13.13 6.55
CA SER A 112 -5.12 -13.26 7.62
C SER A 112 -5.04 -12.01 8.53
N PRO A 113 -6.01 -11.85 9.43
CA PRO A 113 -5.80 -10.85 10.49
C PRO A 113 -4.57 -11.22 11.30
N GLN A 114 -4.01 -10.23 11.97
CA GLN A 114 -2.88 -10.42 12.86
C GLN A 114 -3.28 -10.19 14.32
N ILE A 115 -3.66 -11.29 14.96
CA ILE A 115 -4.24 -11.26 16.31
C ILE A 115 -3.62 -12.36 17.11
N ALA A 116 -3.23 -12.02 18.34
CA ALA A 116 -2.58 -12.99 19.22
C ALA A 116 -3.50 -13.32 20.35
N VAL A 117 -3.30 -14.49 20.92
CA VAL A 117 -3.97 -14.84 22.18
C VAL A 117 -2.95 -14.73 23.30
N VAL A 118 -3.33 -14.02 24.35
CA VAL A 118 -2.53 -13.94 25.55
C VAL A 118 -3.25 -14.75 26.66
N THR A 119 -2.52 -15.66 27.33
CA THR A 119 -3.04 -16.41 28.50
C THR A 119 -2.45 -15.90 29.81
N HIS A 120 -3.13 -16.21 30.92
CA HIS A 120 -2.83 -15.62 32.24
C HIS A 120 -1.45 -15.97 32.74
N ASP A 121 -0.90 -17.08 32.27
CA ASP A 121 0.50 -17.47 32.61
C ASP A 121 1.55 -16.64 31.80
N GLY A 122 1.06 -15.71 30.97
CA GLY A 122 1.90 -14.82 30.21
C GLY A 122 2.26 -15.34 28.84
N SER A 123 1.80 -16.55 28.51
CA SER A 123 1.95 -17.13 27.17
C SER A 123 1.27 -16.28 26.07
N VAL A 124 1.98 -16.08 24.96
CA VAL A 124 1.42 -15.39 23.83
C VAL A 124 1.54 -16.30 22.63
N MET A 125 0.44 -16.50 21.91
CA MET A 125 0.48 -17.34 20.72
C MET A 125 -0.11 -16.61 19.53
N PHE A 126 0.52 -16.73 18.36
CA PHE A 126 0.22 -15.84 17.24
C PHE A 126 0.39 -16.66 16.00
N ILE A 127 -0.66 -16.77 15.16
CA ILE A 127 -0.64 -17.70 14.00
C ILE A 127 -1.01 -17.07 12.71
N PRO A 128 -0.09 -16.27 12.13
CA PRO A 128 -0.49 -15.57 10.90
C PRO A 128 -0.37 -16.47 9.70
N ALA A 129 -1.30 -16.35 8.76
CA ALA A 129 -1.18 -17.06 7.50
C ALA A 129 -0.33 -16.20 6.59
N GLN A 130 0.49 -16.81 5.78
CA GLN A 130 1.40 -16.09 4.95
C GLN A 130 1.63 -16.77 3.59
N ARG A 131 2.05 -15.97 2.62
CA ARG A 131 2.55 -16.46 1.33
C ARG A 131 3.91 -15.91 1.17
N LEU A 132 4.83 -16.77 0.75
CA LEU A 132 6.27 -16.43 0.74
C LEU A 132 6.83 -16.88 -0.57
N SER A 133 7.52 -15.99 -1.29
CA SER A 133 8.40 -16.37 -2.38
C SER A 133 9.81 -16.48 -1.83
N PHE A 134 10.49 -17.60 -2.07
CA PHE A 134 11.89 -17.73 -1.66
C PHE A 134 12.75 -18.40 -2.69
N MET A 135 14.09 -18.31 -2.49
CA MET A 135 15.05 -18.80 -3.46
C MET A 135 15.07 -20.33 -3.47
N CYS A 136 14.77 -20.92 -4.64
CA CYS A 136 14.67 -22.35 -4.77
C CYS A 136 14.91 -22.78 -6.18
N ASP A 137 15.79 -23.74 -6.39
CA ASP A 137 15.99 -24.35 -7.71
C ASP A 137 15.12 -25.61 -7.84
N PRO A 138 14.07 -25.56 -8.66
CA PRO A 138 13.13 -26.70 -8.78
C PRO A 138 13.50 -27.80 -9.79
N THR A 139 14.77 -27.95 -10.12
CA THR A 139 15.19 -29.04 -11.00
C THR A 139 14.88 -30.34 -10.29
N GLY A 140 14.33 -31.30 -11.03
CA GLY A 140 13.94 -32.57 -10.44
C GLY A 140 12.46 -32.68 -10.09
N VAL A 141 11.75 -31.56 -10.16
CA VAL A 141 10.38 -31.53 -9.71
C VAL A 141 9.49 -32.43 -10.58
N ASP A 142 9.93 -32.72 -11.79
CA ASP A 142 9.23 -33.58 -12.72
C ASP A 142 9.91 -34.95 -12.83
N SER A 143 10.49 -35.42 -11.73
CA SER A 143 11.00 -36.77 -11.64
C SER A 143 10.49 -37.35 -10.32
N GLU A 144 10.57 -38.68 -10.18
CA GLU A 144 10.21 -39.34 -8.93
C GLU A 144 10.98 -38.83 -7.72
N GLU A 145 12.24 -38.47 -7.91
CA GLU A 145 13.06 -37.99 -6.78
C GLU A 145 12.58 -36.58 -6.30
N GLY A 146 11.96 -35.84 -7.22
CA GLY A 146 11.48 -34.50 -6.92
C GLY A 146 12.59 -33.50 -6.69
N ALA A 147 12.21 -32.31 -6.24
CA ALA A 147 13.17 -31.25 -5.99
C ALA A 147 13.24 -31.02 -4.50
N THR A 148 14.36 -30.50 -4.03
CA THR A 148 14.50 -30.13 -2.63
C THR A 148 14.81 -28.64 -2.52
N CYS A 149 14.14 -27.98 -1.58
CA CYS A 149 14.42 -26.59 -1.27
C CYS A 149 14.35 -26.24 0.20
N ALA A 150 15.16 -25.27 0.60
CA ALA A 150 15.23 -24.91 1.99
C ALA A 150 15.30 -23.42 2.10
N VAL A 151 14.80 -22.93 3.24
CA VAL A 151 14.92 -21.56 3.63
C VAL A 151 15.03 -21.53 5.17
N LYS A 152 15.93 -20.70 5.69
CA LYS A 152 16.08 -20.52 7.12
C LYS A 152 15.20 -19.38 7.67
N PHE A 153 14.66 -19.60 8.86
CA PHE A 153 13.89 -18.58 9.56
C PHE A 153 14.61 -18.29 10.88
N GLY A 154 14.68 -17.01 11.25
CA GLY A 154 15.39 -16.61 12.45
C GLY A 154 15.13 -15.15 12.72
N SER A 155 15.40 -14.75 13.95
CA SER A 155 15.35 -13.36 14.35
C SER A 155 16.20 -12.51 13.42
N TRP A 156 15.71 -11.32 13.12
CA TRP A 156 16.48 -10.42 12.28
C TRP A 156 17.64 -9.75 13.04
N VAL A 157 17.45 -9.47 14.33
CA VAL A 157 18.40 -8.62 15.04
C VAL A 157 18.83 -9.17 16.39
N TYR A 158 18.20 -10.25 16.84
CA TYR A 158 18.55 -10.86 18.12
C TYR A 158 19.39 -12.13 17.93
N SER A 159 20.51 -12.23 18.65
CA SER A 159 21.26 -13.47 18.66
C SER A 159 20.70 -14.50 19.65
N GLY A 160 21.35 -15.66 19.65
CA GLY A 160 21.01 -16.72 20.59
C GLY A 160 21.06 -16.32 22.06
N PHE A 161 21.79 -15.27 22.42
CA PHE A 161 21.80 -14.79 23.81
C PHE A 161 20.54 -14.04 24.22
N GLU A 162 19.79 -13.47 23.28
CA GLU A 162 18.54 -12.79 23.66
C GLU A 162 17.32 -13.51 23.15
N ILE A 163 17.40 -14.14 21.97
CA ILE A 163 16.29 -15.00 21.58
C ILE A 163 16.68 -16.43 21.25
N ASP A 164 16.14 -17.35 22.03
CA ASP A 164 16.36 -18.75 21.78
C ASP A 164 15.17 -19.29 20.97
N LEU A 165 15.48 -19.83 19.81
CA LEU A 165 14.48 -20.24 18.87
C LEU A 165 14.30 -21.78 18.92
N LYS A 166 13.11 -22.22 19.33
CA LYS A 166 12.78 -23.68 19.41
C LYS A 166 11.69 -24.13 18.44
N THR A 167 11.53 -25.43 18.30
CA THR A 167 10.36 -26.03 17.68
C THR A 167 9.82 -27.08 18.62
N ASP A 168 8.52 -27.40 18.52
CA ASP A 168 7.94 -28.48 19.30
C ASP A 168 8.27 -29.85 18.67
N THR A 169 8.45 -29.86 17.34
CA THR A 169 8.55 -31.07 16.54
C THR A 169 9.42 -30.76 15.32
N ASP A 170 10.08 -31.77 14.85
CA ASP A 170 10.87 -31.76 13.65
C ASP A 170 9.95 -31.69 12.41
N GLN A 171 8.68 -32.03 12.60
CA GLN A 171 7.80 -32.31 11.49
C GLN A 171 6.91 -31.13 11.17
N VAL A 172 6.97 -30.67 9.93
CA VAL A 172 6.07 -29.63 9.46
C VAL A 172 4.66 -30.20 9.40
N ASP A 173 3.69 -29.43 9.88
CA ASP A 173 2.32 -29.90 9.93
C ASP A 173 1.73 -29.95 8.52
N LEU A 174 1.32 -31.14 8.08
CA LEU A 174 0.76 -31.33 6.74
C LEU A 174 -0.72 -31.70 6.73
N SER A 175 -1.38 -31.51 7.88
CA SER A 175 -2.77 -31.96 8.00
C SER A 175 -3.71 -31.08 7.15
N SER A 176 -3.28 -29.86 6.82
CA SER A 176 -4.06 -28.99 5.88
C SER A 176 -3.47 -28.90 4.49
N TYR A 177 -2.49 -29.74 4.13
CA TYR A 177 -1.90 -29.62 2.81
C TYR A 177 -2.94 -29.85 1.71
N TYR A 178 -3.05 -28.91 0.77
CA TYR A 178 -4.04 -29.00 -0.29
C TYR A 178 -3.74 -30.17 -1.22
N ALA A 179 -4.49 -31.25 -1.07
CA ALA A 179 -4.20 -32.49 -1.79
C ALA A 179 -4.26 -32.34 -3.27
N SER A 180 -4.99 -31.34 -3.76
CA SER A 180 -5.11 -31.18 -5.21
C SER A 180 -4.21 -30.05 -5.72
N SER A 181 -3.17 -29.74 -4.93
CA SER A 181 -2.09 -28.82 -5.33
C SER A 181 -1.42 -29.29 -6.61
N LYS A 182 -0.69 -28.42 -7.29
CA LYS A 182 0.14 -28.89 -8.42
C LYS A 182 1.29 -29.76 -7.92
N TYR A 183 1.65 -29.61 -6.64
CA TYR A 183 2.80 -30.32 -6.11
C TYR A 183 2.41 -31.16 -4.91
N GLU A 184 2.89 -32.40 -4.89
CA GLU A 184 2.77 -33.22 -3.68
C GLU A 184 4.05 -33.13 -2.83
N ILE A 185 3.87 -33.23 -1.51
CA ILE A 185 4.98 -33.22 -0.56
C ILE A 185 5.56 -34.62 -0.34
N LEU A 186 6.87 -34.76 -0.61
CA LEU A 186 7.61 -35.99 -0.26
C LEU A 186 8.08 -35.94 1.18
N SER A 187 8.38 -34.72 1.65
CA SER A 187 8.92 -34.47 3.00
C SER A 187 8.90 -32.96 3.31
N ALA A 188 8.70 -32.63 4.57
CA ALA A 188 8.66 -31.28 5.04
C ALA A 188 9.09 -31.27 6.47
N THR A 189 10.29 -30.72 6.72
CA THR A 189 10.84 -30.68 8.08
C THR A 189 11.26 -29.28 8.50
N GLN A 190 11.26 -29.05 9.81
CA GLN A 190 11.66 -27.81 10.40
C GLN A 190 12.71 -28.11 11.48
N THR A 191 13.98 -27.81 11.19
CA THR A 191 15.08 -28.22 12.09
C THR A 191 15.79 -27.03 12.73
N ARG A 192 15.85 -27.06 14.07
CA ARG A 192 16.73 -26.14 14.83
C ARG A 192 18.22 -26.31 14.54
N GLN A 193 18.88 -25.21 14.18
CA GLN A 193 20.31 -25.19 13.89
C GLN A 193 20.97 -24.11 14.77
N VAL A 194 22.17 -24.42 15.31
CA VAL A 194 22.96 -23.47 16.10
C VAL A 194 24.34 -23.31 15.45
N GLN A 195 24.71 -22.10 15.02
CA GLN A 195 26.04 -21.86 14.42
C GLN A 195 26.89 -20.91 15.27
N HIS A 196 28.18 -21.11 15.23
CA HIS A 196 29.13 -20.15 15.84
C HIS A 196 30.08 -19.78 14.74
N TYR A 197 30.41 -18.50 14.64
CA TYR A 197 31.42 -18.01 13.67
C TYR A 197 32.76 -17.71 14.39
N SER A 198 33.88 -17.84 13.67
CA SER A 198 35.23 -17.59 14.23
C SER A 198 35.30 -16.23 14.93
N CYS A 199 34.69 -15.23 14.29
CA CYS A 199 34.72 -13.83 14.75
C CYS A 199 34.04 -13.64 16.09
N CYS A 200 32.97 -14.39 16.34
CA CYS A 200 31.95 -13.85 17.23
C CYS A 200 31.56 -14.79 18.30
N PRO A 201 31.39 -14.26 19.51
CA PRO A 201 31.08 -15.03 20.71
C PRO A 201 29.64 -15.61 20.83
N GLU A 202 28.70 -15.15 20.01
CA GLU A 202 27.27 -15.50 20.21
C GLU A 202 26.89 -16.73 19.41
N PRO A 203 25.94 -17.50 19.91
CA PRO A 203 25.30 -18.56 19.09
C PRO A 203 24.17 -17.95 18.25
N TYR A 204 24.10 -18.34 16.98
CA TYR A 204 23.07 -17.88 16.10
C TYR A 204 22.22 -19.08 15.73
N ILE A 205 20.92 -18.93 16.01
CA ILE A 205 19.92 -19.98 15.83
C ILE A 205 18.99 -19.68 14.66
N ASP A 206 18.72 -20.71 13.87
CA ASP A 206 17.68 -20.59 12.89
C ASP A 206 16.93 -21.93 12.82
N VAL A 207 15.71 -21.90 12.30
CA VAL A 207 14.95 -23.08 11.94
C VAL A 207 14.99 -23.27 10.42
N ASN A 208 15.45 -24.43 9.96
CA ASN A 208 15.60 -24.67 8.55
C ASN A 208 14.36 -25.41 8.05
N LEU A 209 13.58 -24.71 7.22
CA LEU A 209 12.42 -25.27 6.63
C LEU A 209 12.87 -25.95 5.34
N VAL A 210 12.75 -27.28 5.28
CA VAL A 210 13.24 -28.05 4.13
C VAL A 210 12.08 -28.83 3.53
N VAL A 211 11.84 -28.63 2.24
CA VAL A 211 10.67 -29.21 1.60
C VAL A 211 11.13 -29.94 0.37
N LYS A 212 10.80 -31.23 0.31
CA LYS A 212 11.10 -32.05 -0.91
C LYS A 212 9.75 -32.36 -1.53
N PHE A 213 9.62 -32.08 -2.83
CA PHE A 213 8.33 -32.10 -3.49
C PHE A 213 8.44 -32.48 -4.94
N ARG A 214 7.31 -32.86 -5.55
CA ARG A 214 7.31 -33.09 -7.00
C ARG A 214 5.95 -32.78 -7.60
N GLU A 215 5.92 -32.60 -8.93
CA GLU A 215 4.68 -32.50 -9.68
C GLU A 215 3.74 -33.70 -9.42
N ARG A 216 2.47 -33.43 -9.12
CA ARG A 216 1.48 -34.46 -8.77
C ARG A 216 1.13 -35.32 -9.97
N LEU B 9 -31.87 20.37 10.75
CA LEU B 9 -30.73 20.84 11.61
C LEU B 9 -30.77 20.17 12.98
N HIS B 10 -31.99 20.00 13.53
CA HIS B 10 -32.16 19.22 14.76
C HIS B 10 -31.77 17.76 14.52
N SER B 11 -32.07 17.23 13.34
CA SER B 11 -31.69 15.86 12.98
C SER B 11 -30.18 15.70 12.93
N GLN B 12 -29.47 16.68 12.37
CA GLN B 12 -28.01 16.58 12.27
C GLN B 12 -27.41 16.49 13.67
N ALA B 13 -27.92 17.33 14.58
CA ALA B 13 -27.37 17.43 15.92
C ALA B 13 -27.69 16.19 16.77
N ASN B 14 -28.86 15.60 16.53
CA ASN B 14 -29.25 14.35 17.16
C ASN B 14 -28.42 13.19 16.74
N LEU B 15 -28.18 13.08 15.42
CA LEU B 15 -27.24 12.09 14.91
C LEU B 15 -25.85 12.28 15.54
N MET B 16 -25.34 13.49 15.57
CA MET B 16 -23.99 13.70 16.10
C MET B 16 -23.91 13.37 17.59
N ARG B 17 -25.01 13.61 18.29
CA ARG B 17 -25.00 13.39 19.74
C ARG B 17 -24.99 11.89 20.01
N LEU B 18 -25.83 11.16 19.28
CA LEU B 18 -25.84 9.71 19.29
C LEU B 18 -24.46 9.08 19.08
N LYS B 19 -23.74 9.52 18.04
CA LYS B 19 -22.46 8.89 17.71
C LYS B 19 -21.49 9.19 18.82
N SER B 20 -21.56 10.42 19.31
CA SER B 20 -20.71 10.83 20.40
C SER B 20 -20.91 9.91 21.61
N ASP B 21 -22.17 9.76 22.01
CA ASP B 21 -22.49 8.98 23.22
C ASP B 21 -22.09 7.52 23.08
N LEU B 22 -22.31 6.93 21.90
CA LEU B 22 -21.91 5.55 21.69
C LEU B 22 -20.39 5.34 21.59
N PHE B 23 -19.68 6.17 20.81
CA PHE B 23 -18.20 6.01 20.59
C PHE B 23 -17.34 6.89 21.50
N TYR B 29 -15.37 -1.65 22.85
CA TYR B 29 -15.88 -3.01 22.98
C TYR B 29 -14.65 -3.89 22.79
N PRO B 30 -14.37 -4.81 23.74
CA PRO B 30 -13.12 -5.56 23.66
C PRO B 30 -13.23 -6.85 22.85
N GLY B 31 -14.33 -7.05 22.15
CA GLY B 31 -14.61 -8.31 21.50
C GLY B 31 -15.46 -9.23 22.37
N PRO B 32 -15.94 -10.32 21.77
CA PRO B 32 -16.73 -11.33 22.48
C PRO B 32 -15.84 -12.21 23.38
N THR B 33 -16.43 -12.80 24.44
CA THR B 33 -15.75 -13.73 25.34
C THR B 33 -16.64 -14.92 25.60
N LYS B 34 -16.13 -15.89 26.33
CA LYS B 34 -16.90 -17.08 26.66
C LYS B 34 -18.13 -16.72 27.52
N ASP B 35 -18.07 -15.63 28.28
CA ASP B 35 -19.19 -15.13 29.08
C ASP B 35 -20.14 -14.27 28.26
N ASP B 36 -19.60 -13.58 27.26
CA ASP B 36 -20.41 -12.68 26.42
C ASP B 36 -20.23 -13.04 24.94
N PRO B 37 -20.80 -14.18 24.55
CA PRO B 37 -20.59 -14.64 23.19
C PRO B 37 -21.43 -13.85 22.17
N LEU B 38 -21.14 -14.04 20.90
CA LEU B 38 -21.75 -13.29 19.86
C LEU B 38 -22.12 -14.23 18.71
N THR B 39 -23.26 -13.94 18.10
CA THR B 39 -23.64 -14.59 16.91
C THR B 39 -23.33 -13.73 15.70
N VAL B 40 -22.61 -14.31 14.75
CA VAL B 40 -22.32 -13.64 13.50
C VAL B 40 -22.99 -14.42 12.39
N THR B 41 -23.89 -13.77 11.68
CA THR B 41 -24.54 -14.41 10.56
C THR B 41 -23.81 -14.00 9.31
N LEU B 42 -23.57 -14.96 8.44
CA LEU B 42 -22.75 -14.79 7.28
C LEU B 42 -23.49 -15.29 6.04
N GLY B 43 -23.41 -14.54 4.92
CA GLY B 43 -23.93 -14.99 3.61
C GLY B 43 -23.13 -14.45 2.41
N PHE B 44 -23.15 -15.15 1.30
CA PHE B 44 -22.36 -14.73 0.14
C PHE B 44 -23.27 -14.45 -1.03
N THR B 45 -22.87 -13.48 -1.85
CA THR B 45 -23.55 -13.17 -3.08
C THR B 45 -22.50 -13.26 -4.16
N LEU B 46 -22.45 -14.35 -4.89
CA LEU B 46 -21.37 -14.57 -5.87
C LEU B 46 -21.66 -13.79 -7.14
N GLN B 47 -20.71 -12.97 -7.52
CA GLN B 47 -20.88 -12.08 -8.63
C GLN B 47 -20.15 -12.57 -9.86
N ASP B 48 -19.01 -13.22 -9.66
CA ASP B 48 -18.20 -13.63 -10.84
C ASP B 48 -17.04 -14.58 -10.50
N ILE B 49 -16.86 -15.63 -11.30
CA ILE B 49 -15.64 -16.37 -11.25
C ILE B 49 -14.80 -15.79 -12.40
N VAL B 50 -13.84 -14.95 -12.02
CA VAL B 50 -13.00 -14.23 -12.98
C VAL B 50 -12.03 -15.13 -13.71
N LYS B 51 -11.32 -15.98 -12.96
CA LYS B 51 -10.21 -16.72 -13.50
C LYS B 51 -10.02 -18.04 -12.77
N ALA B 52 -9.71 -19.08 -13.53
CA ALA B 52 -9.31 -20.35 -12.98
C ALA B 52 -7.98 -20.78 -13.54
N ASP B 53 -6.93 -20.72 -12.72
CA ASP B 53 -5.55 -20.93 -13.17
C ASP B 53 -5.13 -22.39 -12.97
N SER B 54 -5.03 -23.14 -14.05
CA SER B 54 -4.64 -24.55 -13.92
C SER B 54 -3.13 -24.75 -13.86
N SER B 55 -2.34 -23.69 -13.95
CA SER B 55 -0.89 -23.83 -13.84
C SER B 55 -0.45 -23.69 -12.36
N THR B 56 -1.32 -23.09 -11.56
CA THR B 56 -1.06 -22.92 -10.13
C THR B 56 -2.20 -23.47 -9.27
N ASN B 57 -3.28 -23.95 -9.87
CA ASN B 57 -4.50 -24.36 -9.13
C ASN B 57 -4.98 -23.28 -8.11
N GLU B 58 -5.32 -22.15 -8.70
CA GLU B 58 -5.90 -21.03 -7.99
C GLU B 58 -7.09 -20.56 -8.78
N VAL B 59 -8.09 -20.10 -8.04
CA VAL B 59 -9.29 -19.55 -8.63
C VAL B 59 -9.62 -18.19 -8.04
N ASP B 60 -10.08 -17.27 -8.88
CA ASP B 60 -10.39 -15.92 -8.38
C ASP B 60 -11.92 -15.66 -8.42
N LEU B 61 -12.49 -15.33 -7.27
CA LEU B 61 -13.89 -15.04 -7.13
C LEU B 61 -14.11 -13.59 -6.71
N VAL B 62 -15.13 -12.98 -7.31
CA VAL B 62 -15.63 -11.73 -6.82
C VAL B 62 -17.02 -11.97 -6.24
N TYR B 63 -17.25 -11.45 -5.03
CA TYR B 63 -18.53 -11.61 -4.34
C TYR B 63 -18.78 -10.48 -3.35
N TYR B 64 -20.03 -10.32 -2.88
CA TYR B 64 -20.28 -9.53 -1.69
C TYR B 64 -20.31 -10.47 -0.54
N GLU B 65 -19.79 -10.06 0.61
CA GLU B 65 -19.86 -10.92 1.78
C GLU B 65 -20.73 -10.19 2.83
N GLN B 66 -21.87 -10.76 3.15
CA GLN B 66 -22.81 -10.14 4.11
C GLN B 66 -22.52 -10.63 5.49
N GLN B 67 -22.34 -9.69 6.41
CA GLN B 67 -22.18 -10.01 7.78
C GLN B 67 -23.16 -9.23 8.65
N ARG B 68 -23.70 -9.89 9.68
CA ARG B 68 -24.60 -9.28 10.65
C ARG B 68 -24.28 -9.84 12.02
N TRP B 69 -24.20 -8.95 13.00
CA TRP B 69 -24.09 -9.33 14.41
C TRP B 69 -24.85 -8.30 15.26
N LYS B 70 -24.91 -8.53 16.57
CA LYS B 70 -25.65 -7.61 17.41
C LYS B 70 -24.90 -7.36 18.72
N LEU B 71 -24.79 -6.09 19.11
CA LEU B 71 -24.14 -5.73 20.37
C LEU B 71 -25.05 -4.94 21.31
N ASN B 72 -25.11 -5.37 22.55
CA ASN B 72 -25.88 -4.62 23.56
C ASN B 72 -25.31 -3.23 23.73
N SER B 73 -23.99 -3.10 23.57
CA SER B 73 -23.31 -1.80 23.70
C SER B 73 -23.58 -0.77 22.57
N LEU B 74 -24.37 -1.13 21.56
CA LEU B 74 -24.72 -0.18 20.50
C LEU B 74 -26.23 0.05 20.41
N MET B 75 -26.97 -0.48 21.38
CA MET B 75 -28.42 -0.18 21.52
C MET B 75 -28.74 1.27 21.96
N TRP B 76 -29.85 1.80 21.48
CA TRP B 76 -30.32 3.11 21.97
C TRP B 76 -31.81 3.18 21.85
N ASP B 77 -32.38 4.01 22.69
CA ASP B 77 -33.78 4.38 22.59
C ASP B 77 -33.92 5.50 21.54
N PRO B 78 -34.60 5.22 20.42
CA PRO B 78 -34.78 6.24 19.36
C PRO B 78 -35.44 7.55 19.86
N ASN B 79 -36.50 7.37 20.64
CA ASN B 79 -37.21 8.46 21.32
C ASN B 79 -36.22 9.43 22.02
N GLU B 80 -35.13 8.91 22.59
CA GLU B 80 -34.14 9.79 23.22
C GLU B 80 -33.26 10.56 22.20
N TYR B 81 -33.36 10.19 20.92
CA TYR B 81 -32.44 10.75 19.91
C TYR B 81 -33.18 11.18 18.66
N GLY B 82 -34.25 11.96 18.89
CA GLY B 82 -35.04 12.50 17.81
C GLY B 82 -35.52 11.44 16.86
N ASN B 83 -35.88 10.27 17.42
CA ASN B 83 -36.44 9.12 16.63
C ASN B 83 -35.53 8.52 15.51
N ILE B 84 -34.23 8.68 15.65
CA ILE B 84 -33.28 8.02 14.76
C ILE B 84 -33.30 6.50 14.96
N THR B 85 -33.60 5.78 13.89
CA THR B 85 -33.71 4.34 14.00
C THR B 85 -32.40 3.58 13.62
N ASP B 86 -31.58 4.23 12.79
CA ASP B 86 -30.34 3.64 12.31
C ASP B 86 -29.42 4.75 11.80
N PHE B 87 -28.14 4.43 11.69
CA PHE B 87 -27.21 5.30 11.00
C PHE B 87 -26.13 4.47 10.32
N ARG B 88 -25.34 5.14 9.48
CA ARG B 88 -24.24 4.53 8.79
C ARG B 88 -22.93 5.02 9.35
N THR B 89 -21.89 4.20 9.28
CA THR B 89 -20.61 4.63 9.77
C THR B 89 -19.51 3.75 9.21
N SER B 90 -18.33 4.35 9.05
CA SER B 90 -17.13 3.66 8.60
C SER B 90 -16.87 2.41 9.47
N ALA B 91 -16.61 1.28 8.82
CA ALA B 91 -16.36 0.03 9.53
C ALA B 91 -15.14 0.15 10.49
N ALA B 92 -14.30 1.15 10.29
CA ALA B 92 -13.17 1.38 11.19
C ALA B 92 -13.61 1.91 12.57
N ASP B 93 -14.75 2.60 12.62
CA ASP B 93 -15.25 3.18 13.88
C ASP B 93 -15.85 2.15 14.85
N ILE B 94 -15.91 0.89 14.42
CA ILE B 94 -16.54 -0.13 15.26
C ILE B 94 -15.75 -1.39 15.21
N TRP B 95 -16.01 -2.26 16.17
CA TRP B 95 -15.46 -3.60 16.17
C TRP B 95 -16.13 -4.39 15.04
N THR B 96 -15.36 -5.15 14.29
CA THR B 96 -15.92 -6.03 13.29
C THR B 96 -15.36 -7.46 13.52
N PRO B 97 -16.11 -8.52 13.14
CA PRO B 97 -15.59 -9.89 13.35
C PRO B 97 -14.44 -10.24 12.39
N ASP B 98 -13.52 -11.08 12.85
CA ASP B 98 -12.34 -11.49 12.09
C ASP B 98 -12.60 -12.70 11.19
N ILE B 99 -13.75 -12.71 10.52
CA ILE B 99 -14.09 -13.79 9.59
C ILE B 99 -13.12 -13.76 8.40
N THR B 100 -12.40 -14.86 8.19
CA THR B 100 -11.38 -14.96 7.15
C THR B 100 -11.50 -16.26 6.38
N ALA B 101 -11.20 -16.22 5.09
CA ALA B 101 -11.03 -17.43 4.33
C ALA B 101 -9.79 -18.21 4.86
N TYR B 102 -9.95 -19.52 5.10
CA TYR B 102 -8.84 -20.33 5.68
C TYR B 102 -7.82 -20.85 4.66
N SER B 103 -8.12 -20.70 3.38
CA SER B 103 -7.24 -21.25 2.38
C SER B 103 -7.05 -20.35 1.14
N SER B 104 -7.02 -19.05 1.35
CA SER B 104 -6.64 -18.14 0.28
C SER B 104 -5.16 -18.28 -0.06
N THR B 105 -4.78 -17.79 -1.24
CA THR B 105 -3.38 -17.82 -1.68
C THR B 105 -2.80 -16.39 -1.96
N ARG B 106 -3.62 -15.37 -1.74
CA ARG B 106 -3.30 -13.95 -1.90
C ARG B 106 -4.16 -13.24 -0.92
N PRO B 107 -3.71 -12.04 -0.48
CA PRO B 107 -4.53 -11.33 0.50
C PRO B 107 -5.79 -10.86 -0.19
N VAL B 108 -6.90 -10.83 0.53
CA VAL B 108 -8.20 -10.48 -0.01
C VAL B 108 -8.20 -9.00 -0.44
N GLN B 109 -8.80 -8.71 -1.58
CA GLN B 109 -8.85 -7.38 -2.13
C GLN B 109 -10.26 -6.80 -1.93
N VAL B 110 -10.34 -5.68 -1.20
CA VAL B 110 -11.61 -4.99 -0.95
C VAL B 110 -12.01 -4.09 -2.14
N LEU B 111 -13.19 -4.32 -2.70
CA LEU B 111 -13.60 -3.62 -3.91
C LEU B 111 -14.54 -2.44 -3.64
N SER B 112 -14.95 -2.26 -2.38
CA SER B 112 -15.98 -1.33 -2.05
C SER B 112 -15.60 -0.51 -0.80
N PRO B 113 -16.34 0.56 -0.50
CA PRO B 113 -16.18 1.21 0.79
C PRO B 113 -16.50 0.22 1.90
N GLN B 114 -15.96 0.48 3.08
CA GLN B 114 -16.27 -0.39 4.20
C GLN B 114 -17.09 0.37 5.22
N ILE B 115 -18.40 0.33 5.02
CA ILE B 115 -19.33 1.13 5.81
C ILE B 115 -20.45 0.25 6.32
N ALA B 116 -20.60 0.21 7.64
CA ALA B 116 -21.68 -0.58 8.24
C ALA B 116 -22.97 0.27 8.48
N VAL B 117 -24.09 -0.43 8.62
CA VAL B 117 -25.28 0.18 9.16
C VAL B 117 -25.43 -0.35 10.57
N VAL B 118 -25.76 0.55 11.49
CA VAL B 118 -26.10 0.19 12.86
C VAL B 118 -27.52 0.56 13.21
N THR B 119 -28.29 -0.41 13.68
CA THR B 119 -29.71 -0.13 14.11
C THR B 119 -29.88 0.01 15.63
N HIS B 120 -30.99 0.68 16.04
CA HIS B 120 -31.22 1.03 17.46
C HIS B 120 -31.28 -0.16 18.40
N ASP B 121 -31.63 -1.32 17.87
CA ASP B 121 -31.60 -2.55 18.66
C ASP B 121 -30.19 -3.12 18.81
N GLY B 122 -29.19 -2.46 18.24
CA GLY B 122 -27.80 -2.88 18.37
C GLY B 122 -27.29 -3.81 17.26
N SER B 123 -28.09 -4.00 16.22
CA SER B 123 -27.67 -4.78 15.06
C SER B 123 -26.76 -4.01 14.16
N VAL B 124 -25.72 -4.71 13.72
CA VAL B 124 -24.73 -4.16 12.82
C VAL B 124 -24.78 -5.00 11.56
N MET B 125 -24.86 -4.31 10.42
CA MET B 125 -24.84 -4.96 9.12
C MET B 125 -23.72 -4.35 8.29
N PHE B 126 -23.04 -5.21 7.54
CA PHE B 126 -21.81 -4.84 6.90
C PHE B 126 -21.64 -5.73 5.68
N ILE B 127 -21.60 -5.14 4.50
CA ILE B 127 -21.49 -5.93 3.28
C ILE B 127 -20.44 -5.44 2.28
N PRO B 128 -19.17 -5.76 2.54
CA PRO B 128 -18.12 -5.35 1.61
C PRO B 128 -18.00 -6.30 0.39
N ALA B 129 -17.57 -5.77 -0.72
CA ALA B 129 -17.31 -6.55 -1.92
C ALA B 129 -15.81 -6.94 -1.94
N GLN B 130 -15.51 -8.14 -2.38
CA GLN B 130 -14.14 -8.65 -2.29
C GLN B 130 -13.74 -9.45 -3.50
N ARG B 131 -12.45 -9.48 -3.80
CA ARG B 131 -11.93 -10.46 -4.73
C ARG B 131 -10.99 -11.35 -3.98
N LEU B 132 -11.15 -12.65 -4.14
CA LEU B 132 -10.37 -13.66 -3.41
C LEU B 132 -9.68 -14.64 -4.37
N SER B 133 -8.39 -14.87 -4.18
CA SER B 133 -7.71 -16.05 -4.79
C SER B 133 -7.59 -17.13 -3.73
N PHE B 134 -7.99 -18.34 -4.09
CA PHE B 134 -7.87 -19.47 -3.14
C PHE B 134 -7.55 -20.77 -3.88
N MET B 135 -7.18 -21.80 -3.12
CA MET B 135 -6.67 -23.07 -3.61
C MET B 135 -7.79 -23.84 -4.27
N CYS B 136 -7.64 -24.12 -5.54
CA CYS B 136 -8.66 -24.80 -6.30
C CYS B 136 -8.05 -25.49 -7.57
N ASP B 137 -8.15 -26.80 -7.63
CA ASP B 137 -7.87 -27.55 -8.88
C ASP B 137 -9.12 -27.46 -9.77
N PRO B 138 -9.02 -26.78 -10.93
CA PRO B 138 -10.15 -26.61 -11.83
C PRO B 138 -10.29 -27.75 -12.87
N THR B 139 -9.57 -28.85 -12.67
CA THR B 139 -9.71 -30.00 -13.56
C THR B 139 -11.17 -30.36 -13.83
N GLY B 140 -11.53 -30.43 -15.11
CA GLY B 140 -12.88 -30.78 -15.50
C GLY B 140 -13.83 -29.59 -15.65
N VAL B 141 -13.32 -28.40 -15.44
CA VAL B 141 -14.09 -27.21 -15.67
C VAL B 141 -14.53 -27.09 -17.16
N ASP B 142 -13.83 -27.80 -18.04
CA ASP B 142 -14.14 -27.83 -19.47
C ASP B 142 -14.96 -29.05 -19.87
N SER B 143 -15.73 -29.61 -18.94
CA SER B 143 -16.65 -30.70 -19.26
C SER B 143 -18.06 -30.38 -18.73
N GLU B 144 -18.97 -31.34 -18.80
CA GLU B 144 -20.36 -31.14 -18.38
C GLU B 144 -20.49 -31.18 -16.89
N GLU B 145 -19.80 -32.13 -16.27
CA GLU B 145 -19.84 -32.24 -14.83
C GLU B 145 -19.16 -31.00 -14.15
N GLY B 146 -18.28 -30.31 -14.89
CA GLY B 146 -17.60 -29.12 -14.41
C GLY B 146 -16.55 -29.40 -13.35
N ALA B 147 -16.07 -28.36 -12.67
CA ALA B 147 -15.15 -28.56 -11.56
C ALA B 147 -15.81 -28.14 -10.28
N THR B 148 -15.27 -28.60 -9.16
CA THR B 148 -15.79 -28.23 -7.83
C THR B 148 -14.69 -27.64 -6.97
N CYS B 149 -14.93 -26.45 -6.40
CA CYS B 149 -14.03 -25.90 -5.39
C CYS B 149 -14.65 -25.40 -4.12
N ALA B 150 -13.86 -25.49 -3.04
CA ALA B 150 -14.34 -25.29 -1.71
C ALA B 150 -13.39 -24.37 -0.97
N VAL B 151 -13.95 -23.52 -0.06
CA VAL B 151 -13.15 -22.64 0.77
C VAL B 151 -13.90 -22.37 2.06
N LYS B 152 -13.27 -22.67 3.19
CA LYS B 152 -13.83 -22.40 4.50
C LYS B 152 -13.65 -20.94 4.92
N PHE B 153 -14.69 -20.38 5.56
CA PHE B 153 -14.62 -19.08 6.16
C PHE B 153 -14.85 -19.23 7.66
N GLY B 154 -14.05 -18.57 8.49
CA GLY B 154 -14.23 -18.70 9.92
C GLY B 154 -13.45 -17.64 10.67
N SER B 155 -13.77 -17.50 11.96
CA SER B 155 -13.10 -16.57 12.77
C SER B 155 -11.63 -16.99 12.81
N TRP B 156 -10.72 -16.00 12.89
CA TRP B 156 -9.30 -16.33 12.95
C TRP B 156 -8.86 -16.81 14.32
N VAL B 157 -9.43 -16.23 15.37
CA VAL B 157 -8.97 -16.50 16.73
C VAL B 157 -10.05 -16.84 17.75
N TYR B 158 -11.32 -16.77 17.38
CA TYR B 158 -12.42 -17.08 18.29
C TYR B 158 -13.07 -18.42 18.00
N SER B 159 -13.27 -19.23 19.04
CA SER B 159 -13.92 -20.53 18.87
C SER B 159 -15.44 -20.37 18.93
N GLY B 160 -16.15 -21.47 18.70
CA GLY B 160 -17.60 -21.53 18.85
C GLY B 160 -18.11 -21.01 20.19
N PHE B 161 -17.26 -21.05 21.24
CA PHE B 161 -17.61 -20.48 22.54
C PHE B 161 -17.71 -18.92 22.56
N GLU B 162 -16.90 -18.24 21.74
CA GLU B 162 -16.94 -16.79 21.67
C GLU B 162 -17.75 -16.30 20.46
N ILE B 163 -17.56 -16.94 19.31
CA ILE B 163 -18.30 -16.55 18.11
C ILE B 163 -19.04 -17.74 17.49
N ASP B 164 -20.35 -17.63 17.48
CA ASP B 164 -21.15 -18.61 16.86
C ASP B 164 -21.50 -18.14 15.47
N LEU B 165 -20.96 -18.80 14.48
CA LEU B 165 -21.11 -18.37 13.14
C LEU B 165 -22.33 -19.06 12.58
N LYS B 166 -23.21 -18.35 11.88
CA LYS B 166 -24.40 -18.95 11.24
C LYS B 166 -24.58 -18.43 9.81
N THR B 167 -25.41 -19.12 9.04
CA THR B 167 -25.87 -18.65 7.73
C THR B 167 -27.41 -18.65 7.73
N ASP B 168 -28.03 -17.78 6.97
CA ASP B 168 -29.52 -17.75 6.95
C ASP B 168 -30.12 -18.82 6.04
N THR B 169 -29.30 -19.30 5.11
CA THR B 169 -29.72 -20.20 4.06
C THR B 169 -28.45 -20.90 3.62
N ASP B 170 -28.59 -22.05 2.99
CA ASP B 170 -27.45 -22.81 2.50
C ASP B 170 -27.23 -22.43 1.05
N GLN B 171 -28.17 -21.68 0.47
CA GLN B 171 -28.03 -21.29 -0.94
C GLN B 171 -27.21 -19.99 -1.06
N VAL B 172 -26.14 -20.02 -1.83
CA VAL B 172 -25.40 -18.80 -2.12
C VAL B 172 -26.22 -17.96 -3.08
N ASP B 173 -26.41 -16.69 -2.75
CA ASP B 173 -27.22 -15.83 -3.62
C ASP B 173 -26.60 -15.63 -4.99
N LEU B 174 -27.29 -16.08 -6.02
CA LEU B 174 -26.78 -16.03 -7.39
C LEU B 174 -27.48 -14.96 -8.23
N SER B 175 -28.25 -14.08 -7.58
CA SER B 175 -29.11 -13.12 -8.30
C SER B 175 -28.33 -12.03 -9.05
N SER B 176 -27.10 -11.73 -8.65
CA SER B 176 -26.24 -10.87 -9.45
C SER B 176 -25.02 -11.58 -10.11
N TYR B 177 -25.17 -12.85 -10.47
CA TYR B 177 -24.07 -13.52 -11.13
C TYR B 177 -23.94 -13.07 -12.54
N TYR B 178 -22.74 -12.66 -12.93
CA TYR B 178 -22.49 -12.14 -14.25
C TYR B 178 -22.64 -13.23 -15.34
N ALA B 179 -23.71 -13.12 -16.11
CA ALA B 179 -24.05 -14.15 -17.08
C ALA B 179 -22.99 -14.27 -18.15
N SER B 180 -22.26 -13.20 -18.42
CA SER B 180 -21.24 -13.31 -19.49
C SER B 180 -19.84 -13.68 -18.96
N SER B 181 -19.76 -14.12 -17.70
CA SER B 181 -18.55 -14.69 -17.13
C SER B 181 -18.07 -15.83 -18.01
N LYS B 182 -16.75 -16.04 -18.01
CA LYS B 182 -16.16 -17.20 -18.67
C LYS B 182 -16.70 -18.50 -18.10
N TYR B 183 -17.31 -18.43 -16.92
CA TYR B 183 -17.77 -19.60 -16.18
C TYR B 183 -19.21 -19.47 -15.73
N GLU B 184 -19.96 -20.55 -15.92
CA GLU B 184 -21.30 -20.59 -15.35
C GLU B 184 -21.29 -21.41 -14.07
N ILE B 185 -22.19 -21.06 -13.17
CA ILE B 185 -22.38 -21.78 -11.90
C ILE B 185 -23.35 -22.94 -12.07
N LEU B 186 -22.96 -24.10 -11.59
CA LEU B 186 -23.85 -25.24 -11.59
C LEU B 186 -24.47 -25.34 -10.20
N SER B 187 -23.76 -24.83 -9.19
CA SER B 187 -24.16 -24.99 -7.80
C SER B 187 -23.25 -24.17 -6.87
N ALA B 188 -23.85 -23.51 -5.90
CA ALA B 188 -23.13 -22.72 -4.94
C ALA B 188 -23.80 -22.74 -3.58
N THR B 189 -23.15 -23.36 -2.61
CA THR B 189 -23.73 -23.55 -1.29
C THR B 189 -22.80 -22.97 -0.27
N GLN B 190 -23.37 -22.63 0.86
CA GLN B 190 -22.62 -22.05 1.94
C GLN B 190 -23.14 -22.78 3.19
N THR B 191 -22.34 -23.67 3.74
CA THR B 191 -22.85 -24.59 4.78
C THR B 191 -22.11 -24.47 6.09
N ARG B 192 -22.87 -24.19 7.14
CA ARG B 192 -22.34 -24.19 8.51
C ARG B 192 -21.89 -25.62 8.89
N GLN B 193 -20.74 -25.73 9.55
CA GLN B 193 -20.09 -26.97 9.95
C GLN B 193 -19.58 -26.74 11.39
N VAL B 194 -19.88 -27.66 12.32
CA VAL B 194 -19.44 -27.63 13.74
C VAL B 194 -18.56 -28.86 14.07
N GLN B 195 -17.25 -28.68 14.31
CA GLN B 195 -16.36 -29.81 14.68
C GLN B 195 -15.88 -29.71 16.11
N HIS B 196 -15.83 -30.87 16.77
CA HIS B 196 -15.04 -31.00 18.00
C HIS B 196 -13.81 -31.80 17.73
N TYR B 197 -12.67 -31.30 18.15
CA TYR B 197 -11.45 -32.09 18.05
C TYR B 197 -11.22 -32.79 19.37
N SER B 198 -10.85 -34.07 19.28
CA SER B 198 -10.74 -34.92 20.45
C SER B 198 -9.77 -34.35 21.49
N CYS B 199 -8.87 -33.46 21.08
CA CYS B 199 -7.91 -32.81 21.99
C CYS B 199 -8.58 -31.84 22.97
N CYS B 200 -9.65 -31.21 22.51
CA CYS B 200 -9.98 -29.89 23.00
C CYS B 200 -11.48 -29.77 23.25
N PRO B 201 -11.88 -29.05 24.29
CA PRO B 201 -13.29 -28.97 24.63
C PRO B 201 -14.18 -28.06 23.73
N GLU B 202 -13.60 -27.10 22.98
CA GLU B 202 -14.40 -26.07 22.29
C GLU B 202 -14.99 -26.61 21.00
N PRO B 203 -16.18 -26.11 20.63
CA PRO B 203 -16.70 -26.25 19.27
C PRO B 203 -16.02 -25.30 18.26
N TYR B 204 -15.58 -25.83 17.12
CA TYR B 204 -15.00 -25.00 16.06
C TYR B 204 -15.98 -24.96 14.89
N ILE B 205 -16.26 -23.73 14.46
CA ILE B 205 -17.30 -23.47 13.49
C ILE B 205 -16.77 -22.79 12.24
N ASP B 206 -17.22 -23.25 11.09
CA ASP B 206 -16.88 -22.56 9.86
C ASP B 206 -17.99 -22.69 8.83
N VAL B 207 -17.88 -21.94 7.75
CA VAL B 207 -18.87 -21.95 6.73
C VAL B 207 -18.13 -22.39 5.51
N ASN B 208 -18.66 -23.40 4.86
CA ASN B 208 -18.08 -23.90 3.65
C ASN B 208 -18.69 -23.36 2.41
N LEU B 209 -17.87 -22.68 1.63
CA LEU B 209 -18.31 -22.18 0.38
C LEU B 209 -17.90 -23.16 -0.69
N VAL B 210 -18.88 -23.89 -1.21
CA VAL B 210 -18.61 -24.93 -2.21
C VAL B 210 -19.21 -24.46 -3.51
N VAL B 211 -18.39 -24.43 -4.56
CA VAL B 211 -18.86 -23.89 -5.83
C VAL B 211 -18.57 -24.87 -6.97
N LYS B 212 -19.61 -25.16 -7.75
CA LYS B 212 -19.48 -26.07 -8.86
C LYS B 212 -19.68 -25.25 -10.11
N PHE B 213 -18.72 -25.35 -11.02
CA PHE B 213 -18.73 -24.45 -12.18
C PHE B 213 -18.11 -25.09 -13.44
N ARG B 214 -18.46 -24.57 -14.60
CA ARG B 214 -17.84 -24.99 -15.83
C ARG B 214 -17.70 -23.84 -16.82
N GLU B 215 -16.88 -24.05 -17.84
CA GLU B 215 -16.77 -23.12 -18.94
C GLU B 215 -18.10 -22.95 -19.66
N ARG B 216 -18.49 -21.69 -19.84
CA ARG B 216 -19.65 -21.34 -20.67
C ARG B 216 -19.30 -21.40 -22.17
N ASP C 5 1.08 43.24 -1.48
CA ASP C 5 1.47 42.31 -0.42
C ASP C 5 0.53 42.35 0.83
N ASP C 6 -0.06 43.52 1.15
CA ASP C 6 -1.06 43.61 2.27
C ASP C 6 -2.27 42.79 1.84
N ASP C 7 -2.59 42.95 0.57
CA ASP C 7 -3.64 42.22 -0.08
C ASP C 7 -3.44 40.68 0.03
N LYS C 8 -2.18 40.24 -0.16
CA LYS C 8 -1.78 38.83 0.02
C LYS C 8 -2.08 38.34 1.43
N LEU C 9 -1.75 39.17 2.44
CA LEU C 9 -1.89 38.77 3.87
C LEU C 9 -3.36 38.64 4.27
N HIS C 10 -4.19 39.63 3.89
CA HIS C 10 -5.61 39.56 4.21
C HIS C 10 -6.26 38.37 3.53
N SER C 11 -5.89 38.09 2.29
CA SER C 11 -6.37 36.90 1.58
C SER C 11 -6.10 35.62 2.40
N GLN C 12 -4.88 35.44 2.88
CA GLN C 12 -4.56 34.28 3.73
C GLN C 12 -5.28 34.25 5.07
N ALA C 13 -5.27 35.37 5.77
CA ALA C 13 -5.94 35.44 7.09
C ALA C 13 -7.46 35.12 6.97
N ASN C 14 -8.10 35.65 5.92
CA ASN C 14 -9.52 35.45 5.71
C ASN C 14 -9.87 33.98 5.40
N LEU C 15 -9.06 33.32 4.54
CA LEU C 15 -9.26 31.91 4.27
C LEU C 15 -9.14 31.06 5.51
N MET C 16 -8.08 31.29 6.26
CA MET C 16 -7.84 30.62 7.51
C MET C 16 -8.99 30.82 8.48
N ARG C 17 -9.49 32.06 8.57
CA ARG C 17 -10.61 32.37 9.45
C ARG C 17 -11.89 31.64 8.99
N LEU C 18 -12.13 31.67 7.68
CA LEU C 18 -13.27 30.96 7.09
C LEU C 18 -13.19 29.45 7.39
N LYS C 19 -12.02 28.85 7.23
CA LYS C 19 -11.88 27.42 7.40
C LYS C 19 -12.14 26.99 8.82
N SER C 20 -11.65 27.75 9.80
CA SER C 20 -11.86 27.35 11.20
C SER C 20 -13.32 27.55 11.60
N ASP C 21 -13.90 28.69 11.18
CA ASP C 21 -15.37 28.95 11.32
C ASP C 21 -16.28 27.81 10.81
N LEU C 22 -15.98 27.31 9.62
CA LEU C 22 -16.76 26.23 9.02
C LEU C 22 -16.52 24.91 9.73
N PHE C 23 -15.28 24.70 10.18
CA PHE C 23 -14.88 23.45 10.84
C PHE C 23 -14.80 23.63 12.38
N TYR C 29 -20.19 16.90 10.22
CA TYR C 29 -21.35 16.52 9.43
C TYR C 29 -21.30 15.00 9.33
N PRO C 30 -22.34 14.33 9.83
CA PRO C 30 -22.31 12.86 9.95
C PRO C 30 -22.88 12.15 8.72
N GLY C 31 -23.10 12.85 7.61
CA GLY C 31 -23.62 12.23 6.39
C GLY C 31 -25.10 12.52 6.31
N PRO C 32 -25.73 12.24 5.17
CA PRO C 32 -27.16 12.51 4.99
C PRO C 32 -28.01 11.50 5.75
N THR C 33 -29.26 11.87 6.02
CA THR C 33 -30.26 10.97 6.63
C THR C 33 -31.56 11.06 5.83
N LYS C 34 -32.56 10.25 6.21
CA LYS C 34 -33.90 10.36 5.60
C LYS C 34 -34.53 11.75 5.88
N ASP C 35 -34.26 12.32 7.04
CA ASP C 35 -34.72 13.63 7.43
C ASP C 35 -33.86 14.76 6.90
N ASP C 36 -32.68 14.44 6.41
CA ASP C 36 -31.81 15.46 5.90
C ASP C 36 -31.10 14.92 4.65
N PRO C 37 -31.86 14.60 3.61
CA PRO C 37 -31.25 13.95 2.46
C PRO C 37 -30.39 14.88 1.59
N LEU C 38 -29.69 14.29 0.63
CA LEU C 38 -28.66 14.97 -0.12
C LEU C 38 -28.73 14.55 -1.60
N THR C 39 -28.64 15.53 -2.49
CA THR C 39 -28.53 15.24 -3.90
C THR C 39 -27.05 15.23 -4.31
N VAL C 40 -26.62 14.12 -4.93
CA VAL C 40 -25.27 14.01 -5.46
C VAL C 40 -25.39 13.96 -6.98
N THR C 41 -24.75 14.88 -7.68
CA THR C 41 -24.77 14.79 -9.14
C THR C 41 -23.49 14.14 -9.66
N LEU C 42 -23.66 13.16 -10.54
CA LEU C 42 -22.56 12.34 -11.01
C LEU C 42 -22.37 12.55 -12.52
N GLY C 43 -21.12 12.49 -12.97
CA GLY C 43 -20.81 12.53 -14.37
C GLY C 43 -19.49 11.87 -14.69
N PHE C 44 -19.36 11.35 -15.90
CA PHE C 44 -18.13 10.75 -16.33
C PHE C 44 -17.50 11.46 -17.53
N THR C 45 -16.18 11.56 -17.50
CA THR C 45 -15.39 12.03 -18.61
C THR C 45 -14.47 10.87 -18.95
N LEU C 46 -14.77 10.16 -20.04
CA LEU C 46 -14.02 8.97 -20.40
C LEU C 46 -12.77 9.31 -21.22
N GLN C 47 -11.61 8.90 -20.73
CA GLN C 47 -10.34 9.24 -21.37
C GLN C 47 -9.83 8.12 -22.27
N ASP C 48 -9.97 6.87 -21.84
CA ASP C 48 -9.37 5.76 -22.56
C ASP C 48 -9.97 4.40 -22.12
N ILE C 49 -10.21 3.51 -23.08
CA ILE C 49 -10.35 2.14 -22.78
C ILE C 49 -8.95 1.55 -23.05
N VAL C 50 -8.29 1.09 -21.98
CA VAL C 50 -6.87 0.74 -22.01
C VAL C 50 -6.66 -0.69 -22.44
N LYS C 51 -7.52 -1.57 -21.98
CA LYS C 51 -7.32 -2.98 -22.16
C LYS C 51 -8.68 -3.68 -22.09
N ALA C 52 -8.86 -4.66 -22.98
CA ALA C 52 -10.05 -5.52 -22.98
C ALA C 52 -9.58 -6.97 -22.95
N ASP C 53 -9.78 -7.64 -21.84
CA ASP C 53 -9.20 -8.96 -21.66
C ASP C 53 -10.31 -10.00 -21.85
N SER C 54 -10.26 -10.67 -23.00
CA SER C 54 -11.23 -11.70 -23.36
C SER C 54 -10.90 -13.09 -22.82
N SER C 55 -9.79 -13.26 -22.10
CA SER C 55 -9.58 -14.48 -21.32
C SER C 55 -10.23 -14.44 -19.91
N THR C 56 -10.58 -13.26 -19.41
CA THR C 56 -11.20 -13.13 -18.06
C THR C 56 -12.49 -12.31 -18.12
N ASN C 57 -12.76 -11.71 -19.27
CA ASN C 57 -13.90 -10.79 -19.41
C ASN C 57 -13.89 -9.63 -18.42
N GLU C 58 -12.76 -8.91 -18.43
CA GLU C 58 -12.55 -7.72 -17.65
C GLU C 58 -12.12 -6.67 -18.64
N VAL C 59 -12.58 -5.44 -18.42
CA VAL C 59 -12.16 -4.34 -19.27
C VAL C 59 -11.70 -3.18 -18.37
N ASP C 60 -10.65 -2.51 -18.82
CA ASP C 60 -10.04 -1.39 -18.03
C ASP C 60 -10.32 0.01 -18.64
N LEU C 61 -10.93 0.88 -17.86
CA LEU C 61 -11.26 2.25 -18.31
C LEU C 61 -10.54 3.26 -17.41
N VAL C 62 -10.14 4.36 -18.03
CA VAL C 62 -9.55 5.46 -17.29
C VAL C 62 -10.51 6.64 -17.46
N TYR C 63 -10.94 7.26 -16.36
CA TYR C 63 -11.89 8.30 -16.46
C TYR C 63 -11.77 9.32 -15.34
N TYR C 64 -12.43 10.47 -15.53
CA TYR C 64 -12.71 11.41 -14.44
C TYR C 64 -14.11 11.15 -13.97
N GLU C 65 -14.30 11.07 -12.65
CA GLU C 65 -15.62 10.89 -12.10
C GLU C 65 -16.00 12.19 -11.38
N GLN C 66 -16.85 12.98 -12.03
CA GLN C 66 -17.27 14.26 -11.45
C GLN C 66 -18.34 14.01 -10.43
N GLN C 67 -18.15 14.58 -9.25
CA GLN C 67 -19.16 14.50 -8.21
C GLN C 67 -19.46 15.87 -7.66
N ARG C 68 -20.74 16.13 -7.38
CA ARG C 68 -21.12 17.42 -6.85
C ARG C 68 -22.24 17.24 -5.89
N TRP C 69 -22.15 17.93 -4.77
CA TRP C 69 -23.22 17.98 -3.76
C TRP C 69 -23.22 19.30 -3.06
N LYS C 70 -24.19 19.52 -2.16
CA LYS C 70 -24.37 20.85 -1.54
C LYS C 70 -24.82 20.75 -0.09
N LEU C 71 -24.19 21.52 0.82
CA LEU C 71 -24.55 21.55 2.24
C LEU C 71 -24.74 22.98 2.76
N ASN C 72 -25.85 23.21 3.46
CA ASN C 72 -26.10 24.48 4.14
C ASN C 72 -24.99 24.82 5.14
N SER C 73 -24.52 23.81 5.86
CA SER C 73 -23.46 24.01 6.82
C SER C 73 -22.10 24.46 6.24
N LEU C 74 -21.98 24.52 4.90
CA LEU C 74 -20.78 25.07 4.25
C LEU C 74 -21.00 26.42 3.55
N MET C 75 -22.15 27.04 3.74
CA MET C 75 -22.44 28.35 3.18
C MET C 75 -21.78 29.45 4.00
N TRP C 76 -21.24 30.46 3.32
CA TRP C 76 -20.79 31.70 3.93
C TRP C 76 -21.12 32.86 3.03
N ASP C 77 -21.07 34.06 3.61
CA ASP C 77 -21.22 35.27 2.82
C ASP C 77 -19.82 35.73 2.40
N PRO C 78 -19.56 35.79 1.07
CA PRO C 78 -18.27 36.24 0.56
C PRO C 78 -17.78 37.56 1.19
N ASN C 79 -18.74 38.44 1.47
CA ASN C 79 -18.44 39.79 1.96
C ASN C 79 -17.89 39.79 3.34
N GLU C 80 -18.27 38.81 4.15
CA GLU C 80 -17.71 38.65 5.49
C GLU C 80 -16.31 38.07 5.50
N TYR C 81 -15.74 37.76 4.34
CA TYR C 81 -14.46 37.07 4.28
C TYR C 81 -13.64 37.56 3.08
N GLY C 82 -13.65 38.86 2.86
CA GLY C 82 -12.81 39.46 1.83
C GLY C 82 -13.08 38.99 0.44
N ASN C 83 -14.35 38.68 0.13
CA ASN C 83 -14.74 38.16 -1.22
C ASN C 83 -14.13 36.79 -1.61
N ILE C 84 -13.80 35.94 -0.64
CA ILE C 84 -13.53 34.56 -0.96
C ILE C 84 -14.87 33.92 -1.39
N THR C 85 -14.93 33.49 -2.65
CA THR C 85 -16.08 32.80 -3.21
C THR C 85 -15.95 31.24 -3.19
N ASP C 86 -14.71 30.73 -3.09
CA ASP C 86 -14.40 29.28 -3.05
C ASP C 86 -13.02 28.95 -2.46
N PHE C 87 -12.84 27.73 -1.95
CA PHE C 87 -11.53 27.24 -1.52
C PHE C 87 -11.33 25.74 -1.80
N ARG C 88 -10.05 25.30 -1.71
CA ARG C 88 -9.69 23.92 -1.94
C ARG C 88 -9.37 23.26 -0.62
N THR C 89 -9.79 22.01 -0.45
CA THR C 89 -9.44 21.25 0.73
C THR C 89 -9.30 19.78 0.32
N SER C 90 -8.43 19.06 1.02
CA SER C 90 -8.19 17.67 0.73
C SER C 90 -9.52 16.93 0.91
N ALA C 91 -9.82 15.98 0.01
CA ALA C 91 -11.05 15.19 0.10
C ALA C 91 -11.20 14.41 1.43
N ALA C 92 -10.07 14.10 2.07
CA ALA C 92 -10.08 13.36 3.33
C ALA C 92 -10.38 14.25 4.54
N ASP C 93 -10.50 15.55 4.36
CA ASP C 93 -10.84 16.47 5.46
C ASP C 93 -12.35 16.76 5.52
N ILE C 94 -13.10 16.31 4.52
CA ILE C 94 -14.54 16.51 4.52
C ILE C 94 -15.20 15.17 4.34
N TRP C 95 -16.53 15.17 4.42
CA TRP C 95 -17.30 13.95 4.06
C TRP C 95 -17.43 13.84 2.52
N THR C 96 -17.35 12.63 2.00
CA THR C 96 -17.60 12.41 0.56
C THR C 96 -18.60 11.28 0.34
N PRO C 97 -19.31 11.32 -0.78
CA PRO C 97 -20.27 10.26 -1.03
C PRO C 97 -19.56 8.96 -1.40
N ASP C 98 -20.17 7.84 -1.02
CA ASP C 98 -19.61 6.51 -1.26
C ASP C 98 -20.12 5.93 -2.59
N ILE C 99 -20.07 6.72 -3.66
CA ILE C 99 -20.51 6.24 -4.97
C ILE C 99 -19.49 5.22 -5.45
N THR C 100 -19.96 4.00 -5.79
CA THR C 100 -19.04 2.89 -6.14
C THR C 100 -19.58 2.17 -7.33
N ALA C 101 -18.67 1.62 -8.14
CA ALA C 101 -19.00 0.63 -9.15
C ALA C 101 -19.56 -0.57 -8.42
N TYR C 102 -20.67 -1.11 -8.93
CA TYR C 102 -21.29 -2.24 -8.33
C TYR C 102 -20.75 -3.58 -8.88
N SER C 103 -20.04 -3.56 -10.01
CA SER C 103 -19.51 -4.79 -10.60
C SER C 103 -18.00 -4.71 -11.02
N SER C 104 -17.20 -4.00 -10.23
CA SER C 104 -15.74 -4.03 -10.47
C SER C 104 -15.12 -5.39 -10.11
N THR C 105 -13.94 -5.65 -10.66
CA THR C 105 -13.19 -6.90 -10.38
C THR C 105 -11.83 -6.71 -9.70
N ARG C 106 -11.42 -5.45 -9.49
CA ARG C 106 -10.17 -5.08 -8.85
C ARG C 106 -10.47 -3.78 -8.10
N PRO C 107 -9.74 -3.56 -6.99
CA PRO C 107 -9.91 -2.24 -6.33
C PRO C 107 -9.62 -1.05 -7.32
N VAL C 108 -10.49 -0.02 -7.29
CA VAL C 108 -10.28 1.13 -8.11
C VAL C 108 -8.95 1.84 -7.77
N GLN C 109 -8.21 2.25 -8.80
CA GLN C 109 -6.95 2.97 -8.59
C GLN C 109 -7.18 4.46 -8.87
N VAL C 110 -6.75 5.27 -7.95
CA VAL C 110 -6.85 6.73 -8.07
C VAL C 110 -5.61 7.25 -8.77
N LEU C 111 -5.82 8.10 -9.76
CA LEU C 111 -4.75 8.50 -10.66
C LEU C 111 -4.33 9.95 -10.45
N SER C 112 -4.92 10.60 -9.48
CA SER C 112 -4.78 12.02 -9.30
C SER C 112 -4.88 12.36 -7.80
N PRO C 113 -4.49 13.57 -7.42
CA PRO C 113 -4.81 14.07 -6.11
C PRO C 113 -6.31 13.98 -5.86
N GLN C 114 -6.68 13.95 -4.61
CA GLN C 114 -8.02 13.83 -4.15
C GLN C 114 -8.37 15.11 -3.42
N ILE C 115 -8.75 16.11 -4.23
CA ILE C 115 -8.94 17.44 -3.65
C ILE C 115 -10.31 18.00 -4.01
N ALA C 116 -11.02 18.50 -3.03
CA ALA C 116 -12.34 19.05 -3.31
C ALA C 116 -12.31 20.57 -3.40
N VAL C 117 -13.25 21.13 -4.18
CA VAL C 117 -13.56 22.61 -4.14
C VAL C 117 -14.89 22.89 -3.46
N VAL C 118 -14.87 23.82 -2.50
CA VAL C 118 -16.09 24.25 -1.78
C VAL C 118 -16.43 25.68 -2.16
N THR C 119 -17.61 25.91 -2.71
CA THR C 119 -18.06 27.28 -3.06
C THR C 119 -18.93 27.88 -1.98
N HIS C 120 -19.03 29.22 -2.00
CA HIS C 120 -19.72 30.00 -0.95
C HIS C 120 -21.20 29.64 -0.73
N ASP C 121 -21.88 29.16 -1.77
CA ASP C 121 -23.24 28.69 -1.62
C ASP C 121 -23.29 27.28 -1.00
N GLY C 122 -22.15 26.69 -0.67
CA GLY C 122 -22.07 25.36 -0.06
C GLY C 122 -22.05 24.15 -1.05
N SER C 123 -21.80 24.40 -2.33
CA SER C 123 -21.48 23.32 -3.26
C SER C 123 -20.06 22.79 -3.03
N VAL C 124 -19.93 21.48 -3.00
CA VAL C 124 -18.66 20.80 -2.95
C VAL C 124 -18.55 20.04 -4.26
N MET C 125 -17.41 20.17 -4.92
CA MET C 125 -17.20 19.49 -6.23
C MET C 125 -15.89 18.70 -6.21
N PHE C 126 -15.90 17.50 -6.76
CA PHE C 126 -14.80 16.56 -6.52
C PHE C 126 -14.64 15.74 -7.76
N ILE C 127 -13.46 15.82 -8.38
CA ILE C 127 -13.18 15.17 -9.69
C ILE C 127 -11.94 14.27 -9.64
N PRO C 128 -12.00 13.16 -8.91
CA PRO C 128 -10.85 12.26 -8.97
C PRO C 128 -10.76 11.51 -10.31
N ALA C 129 -9.53 11.31 -10.78
CA ALA C 129 -9.24 10.45 -11.97
C ALA C 129 -9.07 9.02 -11.48
N GLN C 130 -9.60 8.06 -12.23
CA GLN C 130 -9.64 6.72 -11.76
C GLN C 130 -9.32 5.71 -12.87
N ARG C 131 -8.68 4.59 -12.53
CA ARG C 131 -8.66 3.43 -13.42
C ARG C 131 -9.55 2.31 -12.83
N LEU C 132 -10.44 1.76 -13.65
CA LEU C 132 -11.40 0.78 -13.18
C LEU C 132 -11.37 -0.50 -14.05
N SER C 133 -11.27 -1.64 -13.37
CA SER C 133 -11.53 -2.91 -13.99
C SER C 133 -12.93 -3.38 -13.58
N PHE C 134 -13.74 -3.76 -14.56
CA PHE C 134 -15.10 -4.21 -14.31
C PHE C 134 -15.49 -5.40 -15.26
N MET C 135 -16.58 -6.09 -14.91
CA MET C 135 -17.05 -7.24 -15.66
C MET C 135 -17.54 -6.84 -17.03
N CYS C 136 -16.92 -7.38 -18.08
CA CYS C 136 -17.24 -7.00 -19.42
C CYS C 136 -16.80 -8.05 -20.40
N ASP C 137 -17.75 -8.54 -21.20
CA ASP C 137 -17.45 -9.46 -22.30
C ASP C 137 -17.23 -8.66 -23.61
N PRO C 138 -15.98 -8.63 -24.10
CA PRO C 138 -15.59 -7.86 -25.29
C PRO C 138 -15.87 -8.53 -26.64
N THR C 139 -16.66 -9.59 -26.66
CA THR C 139 -16.98 -10.26 -27.90
C THR C 139 -17.68 -9.29 -28.79
N GLY C 140 -17.16 -9.23 -30.00
CA GLY C 140 -17.66 -8.29 -30.99
C GLY C 140 -16.75 -7.11 -31.23
N VAL C 141 -15.87 -6.85 -30.29
CA VAL C 141 -14.99 -5.68 -30.32
C VAL C 141 -14.24 -5.56 -31.67
N ASP C 142 -13.95 -6.69 -32.30
CA ASP C 142 -13.25 -6.68 -33.57
C ASP C 142 -14.19 -6.72 -34.77
N SER C 143 -15.48 -6.46 -34.56
CA SER C 143 -16.45 -6.38 -35.64
C SER C 143 -16.96 -4.97 -35.74
N GLU C 144 -17.62 -4.65 -36.85
CA GLU C 144 -18.04 -3.29 -37.12
C GLU C 144 -19.07 -2.80 -36.09
N GLU C 145 -19.88 -3.73 -35.61
CA GLU C 145 -20.87 -3.43 -34.60
C GLU C 145 -20.23 -3.18 -33.17
N GLY C 146 -19.02 -3.69 -32.97
CA GLY C 146 -18.30 -3.54 -31.73
C GLY C 146 -18.95 -4.22 -30.55
N ALA C 147 -18.43 -3.98 -29.34
CA ALA C 147 -18.93 -4.61 -28.12
C ALA C 147 -19.69 -3.63 -27.28
N THR C 148 -20.54 -4.13 -26.39
CA THR C 148 -21.25 -3.26 -25.49
C THR C 148 -21.05 -3.74 -24.07
N CYS C 149 -20.71 -2.82 -23.18
CA CYS C 149 -20.57 -3.16 -21.77
C CYS C 149 -21.20 -2.12 -20.89
N ALA C 150 -21.45 -2.52 -19.65
CA ALA C 150 -22.23 -1.72 -18.71
C ALA C 150 -21.72 -1.93 -17.29
N VAL C 151 -21.73 -0.86 -16.50
CA VAL C 151 -21.46 -0.93 -15.12
C VAL C 151 -22.30 0.14 -14.44
N LYS C 152 -22.90 -0.22 -13.30
CA LYS C 152 -23.74 0.66 -12.54
C LYS C 152 -22.92 1.30 -11.41
N PHE C 153 -23.18 2.58 -11.20
CA PHE C 153 -22.57 3.28 -10.10
C PHE C 153 -23.67 3.74 -9.16
N GLY C 154 -23.50 3.54 -7.86
CA GLY C 154 -24.41 4.08 -6.88
C GLY C 154 -23.81 4.08 -5.50
N SER C 155 -24.52 4.67 -4.54
CA SER C 155 -24.08 4.66 -3.16
C SER C 155 -23.89 3.22 -2.66
N TRP C 156 -22.98 2.99 -1.74
CA TRP C 156 -22.81 1.67 -1.20
C TRP C 156 -23.79 1.37 -0.10
N VAL C 157 -24.09 2.35 0.74
CA VAL C 157 -24.99 2.10 1.87
C VAL C 157 -26.15 3.06 1.96
N TYR C 158 -26.23 4.08 1.10
CA TYR C 158 -27.39 5.00 1.14
C TYR C 158 -28.47 4.71 0.09
N SER C 159 -29.70 4.57 0.59
CA SER C 159 -30.84 4.40 -0.31
C SER C 159 -31.19 5.78 -0.88
N GLY C 160 -32.06 5.79 -1.90
CA GLY C 160 -32.57 7.02 -2.46
C GLY C 160 -33.27 7.97 -1.49
N PHE C 161 -33.47 7.57 -0.24
CA PHE C 161 -34.10 8.44 0.76
C PHE C 161 -33.04 9.30 1.39
N GLU C 162 -31.79 8.84 1.30
CA GLU C 162 -30.69 9.58 1.92
C GLU C 162 -29.85 10.25 0.85
N ILE C 163 -29.68 9.58 -0.29
CA ILE C 163 -28.92 10.15 -1.37
C ILE C 163 -29.72 10.04 -2.68
N ASP C 164 -30.19 11.19 -3.14
CA ASP C 164 -30.74 11.32 -4.47
C ASP C 164 -29.59 11.49 -5.46
N LEU C 165 -29.41 10.52 -6.33
CA LEU C 165 -28.28 10.52 -7.26
C LEU C 165 -28.78 11.01 -8.59
N LYS C 166 -28.13 12.01 -9.17
CA LYS C 166 -28.60 12.63 -10.44
C LYS C 166 -27.49 12.73 -11.46
N THR C 167 -27.85 13.07 -12.69
CA THR C 167 -26.88 13.47 -13.70
C THR C 167 -27.24 14.84 -14.26
N ASP C 168 -26.35 15.48 -15.00
CA ASP C 168 -26.68 16.71 -15.74
C ASP C 168 -27.04 16.39 -17.18
N THR C 169 -26.55 15.26 -17.65
CA THR C 169 -26.76 14.82 -19.01
C THR C 169 -26.61 13.32 -18.98
N ASP C 170 -27.06 12.66 -20.03
CA ASP C 170 -26.94 11.24 -20.08
C ASP C 170 -25.85 10.90 -21.09
N GLN C 171 -25.15 11.95 -21.53
CA GLN C 171 -24.08 11.88 -22.52
C GLN C 171 -22.78 11.96 -21.79
N VAL C 172 -21.99 10.88 -21.84
CA VAL C 172 -20.66 10.87 -21.24
C VAL C 172 -19.73 11.85 -21.99
N ASP C 173 -18.94 12.59 -21.26
CA ASP C 173 -18.04 13.50 -21.93
C ASP C 173 -16.89 12.76 -22.65
N LEU C 174 -16.87 12.91 -23.97
CA LEU C 174 -15.86 12.25 -24.80
C LEU C 174 -14.93 13.24 -25.44
N SER C 175 -14.99 14.52 -25.02
CA SER C 175 -14.16 15.57 -25.62
C SER C 175 -12.66 15.33 -25.39
N SER C 176 -12.36 14.48 -24.42
CA SER C 176 -11.06 14.22 -23.93
C SER C 176 -10.61 12.78 -24.29
N TYR C 177 -11.40 12.04 -25.07
CA TYR C 177 -11.06 10.66 -25.31
C TYR C 177 -9.79 10.54 -26.12
N TYR C 178 -8.93 9.60 -25.71
CA TYR C 178 -7.61 9.40 -26.29
C TYR C 178 -7.73 8.97 -27.74
N ALA C 179 -7.32 9.84 -28.64
CA ALA C 179 -7.51 9.63 -30.08
C ALA C 179 -6.70 8.47 -30.67
N SER C 180 -5.71 7.97 -29.95
CA SER C 180 -4.93 6.82 -30.45
C SER C 180 -5.09 5.60 -29.56
N SER C 181 -6.18 5.55 -28.77
CA SER C 181 -6.54 4.36 -28.01
C SER C 181 -6.60 3.16 -28.96
N LYS C 182 -6.41 1.96 -28.40
CA LYS C 182 -6.65 0.73 -29.19
C LYS C 182 -8.13 0.67 -29.49
N TYR C 183 -8.94 1.34 -28.68
CA TYR C 183 -10.40 1.28 -28.85
C TYR C 183 -11.06 2.60 -29.24
N GLU C 184 -11.94 2.48 -30.24
CA GLU C 184 -12.79 3.60 -30.65
C GLU C 184 -14.13 3.55 -29.90
N ILE C 185 -14.67 4.70 -29.50
CA ILE C 185 -15.99 4.74 -28.83
C ILE C 185 -17.10 4.97 -29.83
N LEU C 186 -18.11 4.09 -29.83
CA LEU C 186 -19.25 4.21 -30.70
C LEU C 186 -20.34 5.02 -30.00
N SER C 187 -20.52 4.77 -28.69
CA SER C 187 -21.35 5.63 -27.87
C SER C 187 -21.06 5.38 -26.39
N ALA C 188 -21.38 6.36 -25.58
CA ALA C 188 -21.15 6.27 -24.17
C ALA C 188 -22.20 7.08 -23.45
N THR C 189 -23.04 6.39 -22.68
CA THR C 189 -24.15 7.04 -21.96
C THR C 189 -24.06 6.73 -20.47
N GLN C 190 -24.71 7.60 -19.70
CA GLN C 190 -24.76 7.53 -18.26
C GLN C 190 -26.22 7.79 -17.77
N THR C 191 -26.97 6.73 -17.43
CA THR C 191 -28.41 6.85 -17.26
C THR C 191 -28.79 6.66 -15.82
N ARG C 192 -29.46 7.65 -15.25
CA ARG C 192 -30.03 7.54 -13.94
C ARG C 192 -31.24 6.57 -13.95
N GLN C 193 -31.29 5.63 -13.02
CA GLN C 193 -32.39 4.67 -12.97
C GLN C 193 -32.83 4.60 -11.55
N VAL C 194 -34.12 4.89 -11.30
CA VAL C 194 -34.73 4.74 -9.96
C VAL C 194 -35.43 3.37 -9.92
N GLN C 195 -35.36 2.67 -8.82
CA GLN C 195 -35.92 1.31 -8.77
C GLN C 195 -36.52 1.04 -7.42
N HIS C 196 -37.75 0.54 -7.41
CA HIS C 196 -38.35 0.04 -6.16
C HIS C 196 -38.39 -1.46 -6.26
N TYR C 197 -38.26 -2.13 -5.11
CA TYR C 197 -38.35 -3.57 -5.00
C TYR C 197 -39.56 -3.85 -4.13
N SER C 198 -40.38 -4.82 -4.53
CA SER C 198 -41.58 -5.23 -3.79
C SER C 198 -41.30 -5.57 -2.34
N CYS C 199 -40.14 -6.14 -2.04
CA CYS C 199 -39.78 -6.42 -0.62
C CYS C 199 -39.81 -5.20 0.28
N CYS C 200 -39.34 -4.08 -0.27
CA CYS C 200 -38.73 -3.04 0.55
C CYS C 200 -39.34 -1.64 0.26
N PRO C 201 -39.40 -0.75 1.28
CA PRO C 201 -39.95 0.63 1.14
C PRO C 201 -39.10 1.71 0.38
N GLU C 202 -37.80 1.51 0.25
CA GLU C 202 -36.97 2.62 -0.25
C GLU C 202 -36.82 2.55 -1.77
N PRO C 203 -36.67 3.72 -2.41
CA PRO C 203 -36.21 3.74 -3.79
C PRO C 203 -34.67 3.56 -3.82
N TYR C 204 -34.17 2.84 -4.82
CA TYR C 204 -32.73 2.68 -5.02
C TYR C 204 -32.35 3.27 -6.36
N ILE C 205 -31.30 4.09 -6.34
CA ILE C 205 -30.90 4.85 -7.54
C ILE C 205 -29.50 4.44 -7.98
N ASP C 206 -29.27 4.39 -9.28
CA ASP C 206 -27.97 4.14 -9.77
C ASP C 206 -27.78 4.85 -11.09
N VAL C 207 -26.52 5.04 -11.49
CA VAL C 207 -26.19 5.53 -12.80
C VAL C 207 -25.52 4.43 -13.60
N ASN C 208 -26.16 4.05 -14.69
CA ASN C 208 -25.66 3.03 -15.59
C ASN C 208 -24.74 3.59 -16.69
N LEU C 209 -23.44 3.27 -16.60
CA LEU C 209 -22.47 3.63 -17.61
C LEU C 209 -22.45 2.55 -18.66
N VAL C 210 -22.89 2.87 -19.87
CA VAL C 210 -22.97 1.90 -20.95
C VAL C 210 -22.06 2.36 -22.07
N VAL C 211 -21.07 1.55 -22.40
CA VAL C 211 -20.13 1.92 -23.41
C VAL C 211 -20.14 0.91 -24.55
N LYS C 212 -20.28 1.42 -25.76
CA LYS C 212 -20.24 0.62 -26.98
C LYS C 212 -18.92 1.06 -27.61
N PHE C 213 -18.06 0.09 -27.90
CA PHE C 213 -16.73 0.37 -28.42
C PHE C 213 -16.20 -0.69 -29.41
N ARG C 214 -15.17 -0.35 -30.17
CA ARG C 214 -14.55 -1.31 -31.10
C ARG C 214 -13.06 -1.04 -31.30
N GLU C 215 -12.36 -2.04 -31.85
CA GLU C 215 -10.94 -1.88 -32.23
C GLU C 215 -10.83 -0.79 -33.28
N ARG C 216 -9.91 0.16 -33.06
CA ARG C 216 -9.68 1.33 -33.92
C ARG C 216 -9.23 0.88 -35.33
N ASP D 5 32.49 21.06 18.65
CA ASP D 5 31.26 20.42 19.25
C ASP D 5 30.35 21.42 19.82
N ASP D 6 30.91 22.53 20.33
CA ASP D 6 30.07 23.67 20.62
C ASP D 6 29.40 23.93 19.26
N ASP D 7 30.19 23.68 18.21
CA ASP D 7 29.81 23.92 16.85
C ASP D 7 28.62 23.07 16.37
N LYS D 8 28.70 21.76 16.56
CA LYS D 8 27.64 20.85 16.21
C LYS D 8 26.34 21.14 16.98
N LEU D 9 26.52 21.42 18.26
CA LEU D 9 25.42 21.63 19.17
C LEU D 9 24.62 22.88 18.84
N HIS D 10 25.31 23.95 18.49
CA HIS D 10 24.67 25.21 18.06
C HIS D 10 23.94 25.13 16.74
N SER D 11 24.56 24.51 15.74
CA SER D 11 23.90 24.28 14.48
C SER D 11 22.59 23.46 14.70
N GLN D 12 22.61 22.43 15.55
CA GLN D 12 21.40 21.64 15.83
C GLN D 12 20.29 22.44 16.51
N ALA D 13 20.69 23.25 17.48
CA ALA D 13 19.75 24.05 18.27
C ALA D 13 19.20 25.17 17.38
N ASN D 14 20.08 25.77 16.58
CA ASN D 14 19.60 26.78 15.67
C ASN D 14 18.57 26.24 14.65
N LEU D 15 18.82 25.05 14.12
CA LEU D 15 17.93 24.43 13.15
C LEU D 15 16.61 24.14 13.79
N MET D 16 16.63 23.53 14.97
CA MET D 16 15.40 23.29 15.73
C MET D 16 14.61 24.57 16.02
N ARG D 17 15.31 25.67 16.31
CA ARG D 17 14.59 26.91 16.59
C ARG D 17 13.96 27.48 15.30
N LEU D 18 14.72 27.43 14.20
CA LEU D 18 14.26 27.90 12.91
C LEU D 18 12.98 27.18 12.48
N LYS D 19 13.03 25.86 12.49
CA LYS D 19 11.88 25.02 12.17
C LYS D 19 10.70 25.31 13.06
N SER D 20 10.95 25.34 14.37
CA SER D 20 9.90 25.60 15.35
C SER D 20 9.24 26.95 15.08
N ASP D 21 10.04 27.97 14.80
CA ASP D 21 9.52 29.30 14.49
C ASP D 21 8.80 29.34 13.14
N LEU D 22 9.29 28.59 12.15
CA LEU D 22 8.62 28.60 10.86
C LEU D 22 7.30 27.86 10.89
N PHE D 23 7.20 26.77 11.66
CA PHE D 23 5.96 25.99 11.68
C PHE D 23 4.98 26.49 12.74
N ASN D 24 4.79 27.82 12.78
CA ASN D 24 3.90 28.58 13.70
C ASN D 24 3.31 29.85 13.09
N TYR D 29 -0.42 28.93 6.32
CA TYR D 29 -0.48 28.92 4.83
C TYR D 29 -1.48 27.89 4.33
N PRO D 30 -2.57 28.36 3.68
CA PRO D 30 -3.68 27.53 3.23
C PRO D 30 -3.66 27.17 1.74
N GLY D 31 -2.53 27.26 1.06
CA GLY D 31 -2.43 27.13 -0.38
C GLY D 31 -2.70 28.47 -1.07
N PRO D 32 -2.39 28.55 -2.37
CA PRO D 32 -2.53 29.78 -3.16
C PRO D 32 -3.98 30.16 -3.35
N THR D 33 -4.24 31.47 -3.56
CA THR D 33 -5.58 32.00 -3.90
C THR D 33 -5.49 33.04 -5.02
N LYS D 34 -6.65 33.44 -5.58
CA LYS D 34 -6.66 34.48 -6.65
C LYS D 34 -5.99 35.79 -6.17
N ASP D 35 -6.13 36.11 -4.88
CA ASP D 35 -5.50 37.28 -4.31
C ASP D 35 -4.12 37.01 -3.77
N ASP D 36 -3.67 35.76 -3.83
CA ASP D 36 -2.33 35.39 -3.42
C ASP D 36 -1.75 34.29 -4.33
N PRO D 37 -1.59 34.59 -5.63
CA PRO D 37 -1.20 33.52 -6.55
C PRO D 37 0.20 33.00 -6.32
N LEU D 38 0.45 31.74 -6.69
CA LEU D 38 1.74 31.10 -6.53
C LEU D 38 2.33 30.76 -7.89
N THR D 39 3.57 31.15 -8.12
CA THR D 39 4.29 30.72 -9.27
C THR D 39 4.98 29.38 -8.94
N VAL D 40 4.74 28.38 -9.79
CA VAL D 40 5.38 27.10 -9.60
C VAL D 40 6.19 26.77 -10.84
N THR D 41 7.49 26.51 -10.66
CA THR D 41 8.35 26.21 -11.80
C THR D 41 8.57 24.70 -11.85
N LEU D 42 8.33 24.15 -13.02
CA LEU D 42 8.31 22.72 -13.20
C LEU D 42 9.33 22.38 -14.25
N GLY D 43 10.09 21.32 -14.01
CA GLY D 43 11.02 20.81 -15.04
C GLY D 43 11.19 19.30 -14.91
N PHE D 44 11.56 18.64 -16.00
CA PHE D 44 11.79 17.21 -15.95
C PHE D 44 13.20 16.80 -16.27
N THR D 45 13.67 15.79 -15.58
CA THR D 45 14.92 15.11 -15.89
C THR D 45 14.58 13.66 -16.24
N LEU D 46 14.63 13.34 -17.54
CA LEU D 46 14.24 12.01 -18.05
C LEU D 46 15.36 10.98 -17.86
N GLN D 47 15.13 9.96 -17.03
CA GLN D 47 16.15 8.91 -16.85
C GLN D 47 16.03 7.75 -17.80
N ASP D 48 14.80 7.33 -18.12
CA ASP D 48 14.62 6.12 -18.87
C ASP D 48 13.21 5.97 -19.39
N ILE D 49 13.10 5.49 -20.61
CA ILE D 49 11.84 4.99 -21.10
C ILE D 49 12.01 3.49 -20.94
N VAL D 50 11.28 2.92 -19.97
CA VAL D 50 11.52 1.55 -19.55
C VAL D 50 10.84 0.62 -20.54
N LYS D 51 9.64 0.99 -20.94
CA LYS D 51 8.74 0.08 -21.65
C LYS D 51 7.74 0.83 -22.51
N ALA D 52 7.51 0.30 -23.70
CA ALA D 52 6.45 0.78 -24.56
C ALA D 52 5.58 -0.44 -24.94
N ASP D 53 4.33 -0.45 -24.47
CA ASP D 53 3.42 -1.58 -24.71
C ASP D 53 2.46 -1.22 -25.88
N SER D 54 2.68 -1.88 -27.01
CA SER D 54 1.87 -1.62 -28.21
C SER D 54 0.55 -2.37 -28.16
N SER D 55 0.37 -3.23 -27.17
CA SER D 55 -0.90 -3.96 -27.03
C SER D 55 -1.95 -3.14 -26.27
N THR D 56 -1.52 -2.13 -25.50
CA THR D 56 -2.44 -1.33 -24.69
C THR D 56 -2.21 0.16 -24.92
N ASN D 57 -1.18 0.49 -25.70
CA ASN D 57 -0.78 1.87 -25.91
C ASN D 57 -0.50 2.67 -24.60
N GLU D 58 0.35 2.07 -23.77
CA GLU D 58 0.93 2.69 -22.57
C GLU D 58 2.42 2.68 -22.64
N VAL D 59 3.02 3.74 -22.14
CA VAL D 59 4.48 3.86 -22.08
C VAL D 59 4.88 4.22 -20.65
N ASP D 60 5.96 3.62 -20.17
CA ASP D 60 6.44 3.85 -18.78
C ASP D 60 7.72 4.67 -18.80
N LEU D 61 7.72 5.82 -18.12
CA LEU D 61 8.93 6.68 -17.98
C LEU D 61 9.37 6.75 -16.52
N VAL D 62 10.68 6.89 -16.34
CA VAL D 62 11.28 7.15 -15.07
C VAL D 62 11.92 8.51 -15.19
N TYR D 63 11.55 9.41 -14.29
CA TYR D 63 11.99 10.79 -14.38
C TYR D 63 12.10 11.43 -13.01
N TYR D 64 12.87 12.51 -12.94
CA TYR D 64 12.77 13.40 -11.81
C TYR D 64 11.85 14.55 -12.19
N GLU D 65 10.92 14.87 -11.31
CA GLU D 65 10.01 15.98 -11.49
C GLU D 65 10.48 17.09 -10.55
N GLN D 66 11.11 18.13 -11.10
CA GLN D 66 11.64 19.25 -10.27
C GLN D 66 10.57 20.35 -10.08
N GLN D 67 10.34 20.71 -8.83
CA GLN D 67 9.33 21.71 -8.49
C GLN D 67 9.91 22.76 -7.59
N ARG D 68 9.68 24.02 -7.93
CA ARG D 68 10.19 25.13 -7.15
C ARG D 68 9.08 26.14 -6.99
N TRP D 69 8.86 26.58 -5.77
CA TRP D 69 7.97 27.70 -5.49
C TRP D 69 8.53 28.50 -4.36
N LYS D 70 7.91 29.64 -4.10
CA LYS D 70 8.43 30.54 -3.11
C LYS D 70 7.33 31.08 -2.20
N LEU D 71 7.55 31.07 -0.90
CA LEU D 71 6.56 31.53 0.11
C LEU D 71 7.19 32.54 1.12
N ASN D 72 6.54 33.68 1.26
CA ASN D 72 6.92 34.69 2.23
C ASN D 72 6.90 34.18 3.66
N SER D 73 5.95 33.31 3.99
CA SER D 73 5.96 32.64 5.31
C SER D 73 7.12 31.65 5.55
N LEU D 74 8.03 31.46 4.59
CA LEU D 74 9.18 30.62 4.82
C LEU D 74 10.47 31.43 4.69
N MET D 75 10.38 32.75 4.77
CA MET D 75 11.56 33.61 4.77
C MET D 75 12.18 33.71 6.16
N TRP D 76 13.52 33.81 6.24
CA TRP D 76 14.17 34.10 7.54
C TRP D 76 15.48 34.78 7.33
N ASP D 77 15.94 35.46 8.38
CA ASP D 77 17.27 36.06 8.42
C ASP D 77 18.29 35.04 8.86
N PRO D 78 19.19 34.60 7.95
CA PRO D 78 20.21 33.59 8.36
C PRO D 78 20.98 33.99 9.63
N ASN D 79 21.29 35.29 9.74
CA ASN D 79 21.94 35.90 10.92
C ASN D 79 21.23 35.65 12.23
N GLU D 80 19.92 35.52 12.18
CA GLU D 80 19.20 35.26 13.40
C GLU D 80 19.31 33.78 13.76
N TYR D 81 19.96 33.00 12.91
CA TYR D 81 19.94 31.55 13.08
C TYR D 81 21.27 30.88 12.76
N GLY D 82 22.34 31.46 13.29
CA GLY D 82 23.67 30.92 13.12
C GLY D 82 24.01 30.73 11.68
N ASN D 83 23.52 31.62 10.81
CA ASN D 83 23.80 31.59 9.35
C ASN D 83 23.35 30.29 8.64
N ILE D 84 22.23 29.74 9.09
CA ILE D 84 21.56 28.70 8.32
C ILE D 84 20.89 29.35 7.08
N THR D 85 21.37 28.99 5.89
CA THR D 85 20.82 29.46 4.64
C THR D 85 19.66 28.55 4.09
N ASP D 86 19.59 27.29 4.57
CA ASP D 86 18.64 26.30 4.04
C ASP D 86 18.50 25.11 4.96
N PHE D 87 17.35 24.42 4.91
CA PHE D 87 17.24 23.14 5.62
C PHE D 87 16.45 22.14 4.81
N ARG D 88 16.59 20.86 5.17
CA ARG D 88 15.88 19.76 4.54
C ARG D 88 14.71 19.43 5.39
N THR D 89 13.59 19.05 4.78
CA THR D 89 12.41 18.66 5.54
C THR D 89 11.48 17.78 4.72
N SER D 90 10.83 16.85 5.42
CA SER D 90 9.89 15.91 4.79
C SER D 90 8.79 16.70 4.05
N ALA D 91 8.56 16.34 2.80
CA ALA D 91 7.60 17.03 1.95
C ALA D 91 6.18 16.98 2.53
N ALA D 92 5.91 16.00 3.38
CA ALA D 92 4.63 15.85 4.07
C ALA D 92 4.39 16.94 5.15
N ASP D 93 5.42 17.66 5.59
CA ASP D 93 5.31 18.64 6.69
C ASP D 93 4.89 20.03 6.20
N ILE D 94 4.85 20.22 4.89
CA ILE D 94 4.63 21.53 4.30
C ILE D 94 3.69 21.33 3.15
N TRP D 95 3.19 22.43 2.64
CA TRP D 95 2.22 22.35 1.56
C TRP D 95 3.05 22.03 0.31
N THR D 96 2.51 21.24 -0.61
CA THR D 96 3.16 21.01 -1.92
C THR D 96 2.12 21.21 -3.03
N PRO D 97 2.57 21.58 -4.22
CA PRO D 97 1.60 21.78 -5.29
C PRO D 97 1.01 20.47 -5.77
N ASP D 98 -0.15 20.53 -6.38
CA ASP D 98 -0.84 19.32 -6.80
C ASP D 98 -0.63 19.07 -8.31
N ILE D 99 0.59 19.24 -8.78
CA ILE D 99 0.88 19.02 -10.19
C ILE D 99 0.70 17.54 -10.55
N THR D 100 -0.05 17.27 -11.62
CA THR D 100 -0.43 15.89 -11.95
C THR D 100 -0.41 15.71 -13.44
N ALA D 101 0.07 14.55 -13.88
CA ALA D 101 -0.13 14.12 -15.25
C ALA D 101 -1.65 13.98 -15.53
N TYR D 102 -2.13 14.48 -16.65
CA TYR D 102 -3.52 14.51 -16.98
C TYR D 102 -3.96 13.24 -17.74
N SER D 103 -3.01 12.48 -18.28
CA SER D 103 -3.34 11.33 -19.08
C SER D 103 -2.53 10.08 -18.66
N SER D 104 -2.34 9.91 -17.35
CA SER D 104 -1.71 8.71 -16.84
C SER D 104 -2.67 7.53 -16.89
N THR D 105 -2.13 6.32 -16.90
CA THR D 105 -2.96 5.12 -16.87
C THR D 105 -2.77 4.29 -15.57
N ARG D 106 -1.79 4.65 -14.73
CA ARG D 106 -1.61 3.96 -13.47
C ARG D 106 -1.23 4.98 -12.40
N PRO D 107 -1.42 4.64 -11.10
CA PRO D 107 -0.92 5.61 -10.09
C PRO D 107 0.59 5.76 -10.26
N VAL D 108 1.09 6.98 -10.13
CA VAL D 108 2.52 7.20 -10.17
C VAL D 108 3.20 6.41 -9.05
N GLN D 109 4.36 5.86 -9.35
CA GLN D 109 5.13 5.20 -8.32
C GLN D 109 6.30 6.11 -7.96
N VAL D 110 6.47 6.35 -6.67
CA VAL D 110 7.54 7.18 -6.14
C VAL D 110 8.79 6.36 -5.93
N LEU D 111 9.89 6.80 -6.52
CA LEU D 111 11.12 5.98 -6.46
C LEU D 111 12.13 6.51 -5.44
N SER D 112 11.84 7.66 -4.83
CA SER D 112 12.85 8.30 -3.97
C SER D 112 12.23 8.73 -2.69
N PRO D 113 13.04 9.09 -1.69
CA PRO D 113 12.41 9.77 -0.55
C PRO D 113 11.71 11.01 -1.06
N GLN D 114 10.78 11.54 -0.28
CA GLN D 114 10.15 12.81 -0.62
C GLN D 114 10.50 13.91 0.39
N ILE D 115 11.52 14.66 0.06
CA ILE D 115 12.11 15.61 0.99
C ILE D 115 12.39 16.91 0.24
N ALA D 116 11.94 18.02 0.84
CA ALA D 116 12.13 19.31 0.24
C ALA D 116 13.32 20.04 0.87
N VAL D 117 13.87 21.00 0.11
CA VAL D 117 14.82 21.96 0.63
C VAL D 117 14.18 23.34 0.63
N VAL D 118 14.22 23.97 1.80
CA VAL D 118 13.72 25.34 1.93
C VAL D 118 14.88 26.27 2.14
N THR D 119 14.96 27.28 1.29
CA THR D 119 16.00 28.34 1.38
C THR D 119 15.51 29.54 2.18
N HIS D 120 16.44 30.35 2.68
CA HIS D 120 16.11 31.52 3.53
C HIS D 120 15.28 32.58 2.83
N ASP D 121 15.39 32.69 1.50
CA ASP D 121 14.47 33.54 0.74
C ASP D 121 13.04 32.99 0.64
N GLY D 122 12.79 31.79 1.15
CA GLY D 122 11.45 31.19 1.14
C GLY D 122 11.20 30.31 -0.10
N SER D 123 12.22 30.11 -0.94
CA SER D 123 12.21 29.09 -2.00
C SER D 123 12.09 27.65 -1.45
N VAL D 124 11.18 26.91 -2.03
CA VAL D 124 11.07 25.48 -1.75
C VAL D 124 11.37 24.78 -3.06
N MET D 125 12.17 23.74 -2.94
CA MET D 125 12.57 22.95 -4.08
C MET D 125 12.33 21.49 -3.70
N PHE D 126 11.70 20.75 -4.61
CA PHE D 126 11.28 19.37 -4.35
C PHE D 126 11.53 18.56 -5.61
N ILE D 127 12.28 17.47 -5.50
CA ILE D 127 12.62 16.67 -6.70
C ILE D 127 12.36 15.20 -6.51
N PRO D 128 11.11 14.77 -6.57
CA PRO D 128 10.82 13.33 -6.43
C PRO D 128 11.14 12.55 -7.67
N ALA D 129 11.72 11.36 -7.52
CA ALA D 129 11.92 10.47 -8.68
C ALA D 129 10.65 9.63 -8.85
N GLN D 130 10.23 9.40 -10.10
CA GLN D 130 8.94 8.77 -10.35
C GLN D 130 8.95 7.84 -11.52
N ARG D 131 8.13 6.80 -11.45
CA ARG D 131 7.79 6.03 -12.65
C ARG D 131 6.32 6.24 -12.99
N LEU D 132 6.05 6.65 -14.22
CA LEU D 132 4.68 6.95 -14.68
C LEU D 132 4.32 6.20 -15.96
N SER D 133 3.16 5.54 -15.96
CA SER D 133 2.56 5.03 -17.18
C SER D 133 1.53 6.03 -17.75
N PHE D 134 1.64 6.36 -19.02
CA PHE D 134 0.67 7.26 -19.65
C PHE D 134 0.24 6.82 -21.05
N MET D 135 -0.88 7.39 -21.52
CA MET D 135 -1.46 7.06 -22.83
C MET D 135 -0.50 7.44 -23.93
N CYS D 136 -0.07 6.46 -24.70
CA CYS D 136 0.92 6.71 -25.77
C CYS D 136 0.96 5.57 -26.80
N ASP D 137 0.80 5.93 -28.08
CA ASP D 137 0.89 5.01 -29.22
C ASP D 137 2.32 4.92 -29.72
N PRO D 138 2.99 3.78 -29.46
CA PRO D 138 4.38 3.64 -29.84
C PRO D 138 4.59 3.22 -31.32
N THR D 139 3.59 3.37 -32.17
CA THR D 139 3.71 3.01 -33.60
C THR D 139 4.82 3.84 -34.19
N GLY D 140 5.68 3.19 -34.97
CA GLY D 140 6.78 3.89 -35.61
C GLY D 140 8.04 3.87 -34.78
N VAL D 141 7.96 3.29 -33.60
CA VAL D 141 9.11 3.19 -32.71
C VAL D 141 10.28 2.40 -33.28
N ASP D 142 9.97 1.41 -34.11
CA ASP D 142 10.98 0.57 -34.71
C ASP D 142 11.46 1.11 -36.09
N SER D 143 11.17 2.38 -36.38
CA SER D 143 11.62 3.04 -37.60
C SER D 143 12.57 4.14 -37.20
N GLU D 144 13.25 4.73 -38.16
CA GLU D 144 14.19 5.77 -37.82
C GLU D 144 13.52 7.10 -37.49
N GLU D 145 12.30 7.34 -38.00
CA GLU D 145 11.54 8.58 -37.69
C GLU D 145 11.03 8.58 -36.24
N GLY D 146 10.99 7.39 -35.62
CA GLY D 146 10.63 7.22 -34.22
C GLY D 146 9.14 7.37 -33.97
N ALA D 147 8.73 7.33 -32.72
CA ALA D 147 7.34 7.65 -32.33
C ALA D 147 7.32 8.90 -31.48
N THR D 148 6.20 9.58 -31.45
CA THR D 148 6.05 10.79 -30.68
C THR D 148 4.86 10.65 -29.75
N CYS D 149 5.07 10.93 -28.45
CA CYS D 149 4.00 10.95 -27.44
C CYS D 149 4.07 12.18 -26.51
N ALA D 150 2.94 12.54 -25.94
CA ALA D 150 2.84 13.73 -25.16
C ALA D 150 1.98 13.47 -23.96
N VAL D 151 2.35 14.06 -22.81
CA VAL D 151 1.49 14.09 -21.63
C VAL D 151 1.52 15.51 -21.01
N LYS D 152 0.34 16.04 -20.67
CA LYS D 152 0.26 17.30 -20.00
C LYS D 152 0.33 17.13 -18.50
N PHE D 153 1.02 18.05 -17.84
CA PHE D 153 1.08 18.11 -16.39
C PHE D 153 0.49 19.42 -15.96
N GLY D 154 -0.39 19.42 -14.97
CA GLY D 154 -1.01 20.65 -14.48
C GLY D 154 -1.52 20.43 -13.06
N SER D 155 -1.93 21.54 -12.45
CA SER D 155 -2.58 21.51 -11.18
C SER D 155 -3.91 20.75 -11.35
N TRP D 156 -4.26 19.97 -10.33
CA TRP D 156 -5.52 19.29 -10.35
C TRP D 156 -6.70 20.21 -10.10
N VAL D 157 -6.57 21.14 -9.15
CA VAL D 157 -7.70 21.97 -8.72
C VAL D 157 -7.46 23.47 -8.82
N TYR D 158 -6.24 23.90 -9.16
CA TYR D 158 -5.93 25.33 -9.25
C TYR D 158 -5.88 25.88 -10.67
N SER D 159 -6.59 26.98 -10.90
CA SER D 159 -6.57 27.62 -12.19
C SER D 159 -5.30 28.51 -12.27
N GLY D 160 -5.02 29.04 -13.45
CA GLY D 160 -3.92 29.96 -13.67
C GLY D 160 -3.98 31.24 -12.84
N PHE D 161 -5.10 31.53 -12.15
CA PHE D 161 -5.19 32.67 -11.22
C PHE D 161 -4.65 32.35 -9.83
N GLU D 162 -4.49 31.05 -9.55
CA GLU D 162 -3.96 30.65 -8.24
C GLU D 162 -2.56 30.02 -8.44
N ILE D 163 -2.41 29.17 -9.48
CA ILE D 163 -1.11 28.58 -9.77
C ILE D 163 -0.65 28.90 -11.17
N ASP D 164 0.39 29.74 -11.22
CA ASP D 164 0.98 30.16 -12.47
C ASP D 164 2.16 29.23 -12.75
N LEU D 165 1.96 28.30 -13.65
CA LEU D 165 2.85 27.19 -13.81
C LEU D 165 3.77 27.51 -14.95
N LYS D 166 5.07 27.38 -14.71
CA LYS D 166 6.03 27.60 -15.81
C LYS D 166 7.28 26.75 -15.76
N THR D 167 8.11 26.89 -16.78
CA THR D 167 9.42 26.23 -16.83
C THR D 167 10.58 27.26 -16.79
N ASP D 168 11.80 26.79 -16.55
CA ASP D 168 13.02 27.57 -16.72
C ASP D 168 13.60 27.36 -18.08
N THR D 169 13.18 26.30 -18.76
CA THR D 169 13.77 25.93 -20.04
C THR D 169 12.80 24.97 -20.71
N ASP D 170 12.84 24.94 -22.03
CA ASP D 170 11.95 24.10 -22.79
C ASP D 170 12.56 22.76 -23.02
N GLN D 171 13.79 22.60 -22.57
CA GLN D 171 14.52 21.40 -22.87
C GLN D 171 14.43 20.46 -21.67
N VAL D 172 13.94 19.26 -21.89
CA VAL D 172 13.91 18.25 -20.82
C VAL D 172 15.34 17.82 -20.61
N ASP D 173 15.72 17.68 -19.34
CA ASP D 173 17.14 17.39 -19.04
C ASP D 173 17.45 15.92 -19.36
N LEU D 174 18.34 15.69 -20.33
CA LEU D 174 18.71 14.33 -20.75
C LEU D 174 20.14 13.93 -20.33
N SER D 175 20.79 14.73 -19.50
CA SER D 175 22.21 14.52 -19.17
C SER D 175 22.42 13.18 -18.46
N SER D 176 21.40 12.66 -17.79
CA SER D 176 21.54 11.34 -17.17
C SER D 176 20.58 10.28 -17.78
N TYR D 177 20.11 10.48 -19.01
CA TYR D 177 19.36 9.45 -19.70
C TYR D 177 20.22 8.17 -19.86
N TYR D 178 19.69 7.03 -19.39
CA TYR D 178 20.36 5.72 -19.40
C TYR D 178 20.85 5.36 -20.82
N ALA D 179 22.17 5.20 -20.93
CA ALA D 179 22.82 5.07 -22.23
C ALA D 179 22.55 3.72 -22.87
N SER D 180 22.18 2.71 -22.07
CA SER D 180 21.79 1.40 -22.67
C SER D 180 20.30 1.07 -22.55
N SER D 181 19.44 2.09 -22.46
CA SER D 181 17.98 1.91 -22.47
C SER D 181 17.54 1.22 -23.76
N LYS D 182 16.38 0.57 -23.73
CA LYS D 182 15.80 0.03 -24.95
C LYS D 182 15.51 1.11 -25.98
N TYR D 183 15.34 2.35 -25.50
CA TYR D 183 14.92 3.45 -26.36
C TYR D 183 15.85 4.65 -26.28
N GLU D 184 16.11 5.25 -27.42
CA GLU D 184 16.95 6.43 -27.44
C GLU D 184 16.08 7.65 -27.72
N ILE D 185 16.46 8.77 -27.11
CA ILE D 185 15.66 9.96 -27.22
C ILE D 185 16.07 10.76 -28.44
N LEU D 186 15.10 11.01 -29.32
CA LEU D 186 15.31 11.87 -30.46
C LEU D 186 15.05 13.33 -30.03
N SER D 187 14.02 13.55 -29.22
CA SER D 187 13.85 14.84 -28.56
C SER D 187 12.90 14.78 -27.39
N ALA D 188 13.13 15.67 -26.42
CA ALA D 188 12.33 15.77 -25.26
C ALA D 188 12.16 17.22 -24.85
N THR D 189 10.93 17.71 -24.89
CA THR D 189 10.65 19.12 -24.66
C THR D 189 9.53 19.26 -23.70
N GLN D 190 9.57 20.35 -22.94
CA GLN D 190 8.53 20.70 -21.92
C GLN D 190 8.08 22.12 -22.20
N THR D 191 6.79 22.32 -22.45
CA THR D 191 6.30 23.60 -22.92
C THR D 191 5.08 24.06 -22.16
N ARG D 192 5.12 25.30 -21.65
CA ARG D 192 3.93 25.94 -21.10
C ARG D 192 2.79 26.10 -22.14
N GLN D 193 1.58 25.67 -21.78
CA GLN D 193 0.36 25.89 -22.57
C GLN D 193 -0.71 26.60 -21.75
N VAL D 194 -1.34 27.60 -22.36
CA VAL D 194 -2.38 28.36 -21.67
C VAL D 194 -3.59 28.26 -22.55
N GLN D 195 -4.70 27.89 -21.92
CA GLN D 195 -5.93 27.66 -22.63
C GLN D 195 -6.98 28.60 -22.03
N HIS D 196 -7.77 29.24 -22.88
CA HIS D 196 -8.88 30.07 -22.42
C HIS D 196 -10.13 29.54 -23.01
N TYR D 197 -11.12 29.28 -22.16
CA TYR D 197 -12.44 28.75 -22.61
C TYR D 197 -13.49 29.82 -22.48
N SER D 198 -14.45 29.85 -23.42
CA SER D 198 -15.44 30.95 -23.44
C SER D 198 -16.40 30.94 -22.27
N CYS D 199 -16.69 29.77 -21.71
CA CYS D 199 -17.48 29.67 -20.48
C CYS D 199 -16.93 30.47 -19.31
N CYS D 200 -15.62 30.68 -19.30
CA CYS D 200 -14.92 30.84 -18.03
C CYS D 200 -13.87 31.91 -18.07
N PRO D 201 -13.76 32.67 -17.00
CA PRO D 201 -12.83 33.83 -16.98
C PRO D 201 -11.35 33.49 -16.69
N GLU D 202 -11.06 32.28 -16.20
CA GLU D 202 -9.70 31.93 -15.79
C GLU D 202 -8.86 31.38 -16.91
N PRO D 203 -7.56 31.65 -16.88
CA PRO D 203 -6.69 30.93 -17.80
C PRO D 203 -6.36 29.56 -17.18
N TYR D 204 -6.11 28.56 -18.04
CA TYR D 204 -5.78 27.20 -17.59
C TYR D 204 -4.44 26.76 -18.15
N ILE D 205 -3.55 26.42 -17.23
CA ILE D 205 -2.15 26.25 -17.60
C ILE D 205 -1.73 24.80 -17.44
N ASP D 206 -1.01 24.27 -18.42
CA ASP D 206 -0.34 22.98 -18.25
C ASP D 206 1.07 23.03 -18.85
N VAL D 207 1.92 22.11 -18.44
CA VAL D 207 3.21 21.94 -19.11
C VAL D 207 3.14 20.66 -19.94
N ASN D 208 3.35 20.79 -21.23
CA ASN D 208 3.21 19.66 -22.15
C ASN D 208 4.56 19.03 -22.40
N LEU D 209 4.69 17.79 -21.95
CA LEU D 209 5.92 17.01 -22.08
C LEU D 209 5.82 16.17 -23.36
N VAL D 210 6.62 16.51 -24.37
CA VAL D 210 6.58 15.81 -25.65
C VAL D 210 7.89 15.05 -25.86
N VAL D 211 7.81 13.73 -26.02
CA VAL D 211 8.96 12.91 -26.16
C VAL D 211 8.92 12.19 -27.50
N LYS D 212 10.00 12.32 -28.26
CA LYS D 212 10.14 11.60 -29.52
C LYS D 212 11.26 10.56 -29.30
N PHE D 213 10.95 9.29 -29.52
CA PHE D 213 11.89 8.20 -29.21
C PHE D 213 11.83 7.02 -30.21
N ARG D 214 12.80 6.12 -30.13
CA ARG D 214 12.82 4.94 -31.00
C ARG D 214 13.63 3.80 -30.37
N GLU D 215 13.47 2.62 -30.93
CA GLU D 215 14.23 1.46 -30.47
C GLU D 215 15.72 1.69 -30.74
N ARG D 216 16.58 1.31 -29.79
CA ARG D 216 18.02 1.43 -29.93
C ARG D 216 18.57 0.30 -30.80
N SER E 11 16.51 -4.28 35.23
CA SER E 11 17.28 -4.75 34.05
C SER E 11 16.49 -4.38 32.81
N GLN E 12 15.25 -4.87 32.74
CA GLN E 12 14.22 -4.34 31.85
C GLN E 12 14.01 -2.90 32.19
N ALA E 13 14.00 -2.61 33.51
CA ALA E 13 13.73 -1.26 34.00
C ALA E 13 14.78 -0.29 33.49
N ASN E 14 16.03 -0.73 33.55
CA ASN E 14 17.15 0.05 33.09
C ASN E 14 17.12 0.36 31.58
N LEU E 15 16.70 -0.62 30.77
CA LEU E 15 16.55 -0.40 29.33
C LEU E 15 15.43 0.59 28.98
N MET E 16 14.28 0.44 29.66
CA MET E 16 13.15 1.38 29.53
C MET E 16 13.56 2.79 29.90
N ARG E 17 14.39 2.91 30.94
CA ARG E 17 14.80 4.23 31.44
C ARG E 17 15.85 4.86 30.49
N LEU E 18 16.73 4.02 29.95
CA LEU E 18 17.64 4.42 28.87
C LEU E 18 16.89 4.90 27.61
N LYS E 19 15.90 4.14 27.18
CA LYS E 19 15.19 4.50 25.96
C LYS E 19 14.45 5.81 26.16
N SER E 20 13.83 5.92 27.33
CA SER E 20 13.15 7.12 27.80
C SER E 20 14.09 8.32 27.81
N ASP E 21 15.27 8.16 28.42
CA ASP E 21 16.30 9.20 28.37
C ASP E 21 16.65 9.65 26.97
N LEU E 22 16.91 8.71 26.04
CA LEU E 22 17.34 9.07 24.66
C LEU E 22 16.26 9.74 23.81
N PHE E 23 15.00 9.34 23.98
CA PHE E 23 13.90 10.01 23.24
C PHE E 23 13.09 10.96 24.14
N MET E 28 14.41 16.08 19.38
CA MET E 28 14.32 15.32 18.14
C MET E 28 15.44 15.74 17.17
N TYR E 29 16.32 14.78 16.80
CA TYR E 29 17.49 15.02 15.91
C TYR E 29 17.07 15.45 14.51
N PRO E 30 17.57 16.61 14.09
CA PRO E 30 17.06 17.33 12.92
C PRO E 30 17.84 16.95 11.65
N GLY E 31 18.75 15.98 11.78
CA GLY E 31 19.53 15.54 10.64
C GLY E 31 20.85 16.31 10.53
N PRO E 32 21.73 15.84 9.68
CA PRO E 32 23.05 16.42 9.50
C PRO E 32 22.97 17.81 8.88
N THR E 33 23.97 18.64 9.19
CA THR E 33 24.12 19.96 8.57
C THR E 33 25.59 20.16 8.23
N LYS E 34 25.87 21.27 7.53
CA LYS E 34 27.24 21.60 7.09
C LYS E 34 28.14 21.75 8.34
N ASP E 35 27.60 22.26 9.46
CA ASP E 35 28.32 22.39 10.73
C ASP E 35 28.26 21.18 11.66
N ASP E 36 27.51 20.16 11.23
CA ASP E 36 27.32 18.91 11.97
C ASP E 36 27.24 17.77 10.96
N PRO E 37 28.30 17.56 10.16
CA PRO E 37 28.21 16.56 9.12
C PRO E 37 28.26 15.11 9.66
N LEU E 38 27.66 14.19 8.91
CA LEU E 38 27.51 12.78 9.36
C LEU E 38 28.17 11.84 8.39
N THR E 39 29.01 10.95 8.90
CA THR E 39 29.58 9.90 8.08
C THR E 39 28.60 8.72 8.01
N VAL E 40 28.26 8.29 6.79
CA VAL E 40 27.43 7.11 6.67
C VAL E 40 28.22 6.07 5.91
N THR E 41 28.36 4.88 6.48
CA THR E 41 29.07 3.79 5.83
C THR E 41 28.09 2.81 5.20
N LEU E 42 28.37 2.45 3.96
CA LEU E 42 27.44 1.63 3.22
C LEU E 42 28.12 0.36 2.69
N GLY E 43 27.50 -0.81 2.90
CA GLY E 43 27.97 -2.03 2.23
C GLY E 43 26.87 -2.95 1.72
N PHE E 44 27.22 -3.91 0.87
CA PHE E 44 26.24 -4.75 0.26
C PHE E 44 26.56 -6.23 0.38
N THR E 45 25.55 -7.01 0.78
CA THR E 45 25.58 -8.46 0.82
C THR E 45 24.63 -8.93 -0.25
N LEU E 46 25.18 -9.41 -1.35
CA LEU E 46 24.40 -9.83 -2.50
C LEU E 46 23.90 -11.23 -2.31
N GLN E 47 22.58 -11.40 -2.41
CA GLN E 47 21.94 -12.72 -2.27
C GLN E 47 21.64 -13.40 -3.61
N ASP E 48 21.06 -12.68 -4.56
CA ASP E 48 20.50 -13.35 -5.72
C ASP E 48 20.13 -12.36 -6.78
N ILE E 49 20.57 -12.60 -8.01
CA ILE E 49 20.01 -11.87 -9.13
C ILE E 49 18.88 -12.75 -9.60
N VAL E 50 17.66 -12.32 -9.31
CA VAL E 50 16.49 -13.11 -9.54
C VAL E 50 16.20 -13.18 -11.00
N LYS E 51 16.29 -12.04 -11.69
CA LYS E 51 15.82 -11.95 -13.04
C LYS E 51 16.51 -10.82 -13.81
N ALA E 52 16.77 -11.06 -15.10
CA ALA E 52 17.30 -10.06 -15.98
C ALA E 52 16.41 -9.97 -17.21
N ASP E 53 15.77 -8.84 -17.42
CA ASP E 53 14.74 -8.72 -18.45
C ASP E 53 15.29 -7.89 -19.60
N SER E 54 15.58 -8.54 -20.71
CA SER E 54 16.14 -7.86 -21.86
C SER E 54 15.09 -7.21 -22.75
N SER E 55 13.81 -7.43 -22.45
CA SER E 55 12.81 -6.69 -23.20
C SER E 55 12.68 -5.26 -22.68
N THR E 56 13.11 -5.03 -21.42
CA THR E 56 12.97 -3.70 -20.77
C THR E 56 14.32 -3.17 -20.23
N ASN E 57 15.31 -4.03 -20.19
CA ASN E 57 16.60 -3.70 -19.58
C ASN E 57 16.46 -3.31 -18.08
N GLU E 58 15.87 -4.23 -17.30
CA GLU E 58 15.79 -4.15 -15.85
C GLU E 58 16.35 -5.41 -15.26
N VAL E 59 17.05 -5.27 -14.14
CA VAL E 59 17.52 -6.40 -13.38
C VAL E 59 17.01 -6.33 -11.95
N ASP E 60 16.58 -7.46 -11.42
CA ASP E 60 16.04 -7.56 -10.08
C ASP E 60 17.08 -8.24 -9.18
N LEU E 61 17.46 -7.54 -8.12
CA LEU E 61 18.55 -8.00 -7.26
C LEU E 61 18.07 -8.02 -5.81
N VAL E 62 18.27 -9.15 -5.17
CA VAL E 62 17.99 -9.26 -3.75
C VAL E 62 19.31 -9.15 -2.99
N TYR E 63 19.35 -8.24 -2.02
CA TYR E 63 20.56 -7.97 -1.28
C TYR E 63 20.25 -7.50 0.17
N TYR E 64 21.19 -7.68 1.09
CA TYR E 64 21.22 -6.97 2.38
C TYR E 64 22.03 -5.67 2.20
N GLU E 65 21.49 -4.54 2.72
CA GLU E 65 22.11 -3.23 2.63
C GLU E 65 22.57 -2.80 4.00
N GLN E 66 23.87 -2.87 4.21
CA GLN E 66 24.47 -2.53 5.54
C GLN E 66 24.69 -1.04 5.60
N GLN E 67 24.04 -0.43 6.57
CA GLN E 67 24.26 0.98 6.87
C GLN E 67 24.74 1.18 8.29
N ARG E 68 25.68 2.10 8.46
CA ARG E 68 26.23 2.47 9.78
C ARG E 68 26.46 3.95 9.80
N TRP E 69 26.17 4.56 10.93
CA TRP E 69 26.47 5.94 11.22
C TRP E 69 26.52 6.07 12.75
N LYS E 70 27.03 7.20 13.25
CA LYS E 70 27.20 7.43 14.67
C LYS E 70 26.63 8.80 15.07
N LEU E 71 25.85 8.85 16.14
CA LEU E 71 25.32 10.11 16.67
C LEU E 71 25.74 10.35 18.12
N ASN E 72 26.24 11.55 18.38
CA ASN E 72 26.56 11.98 19.75
C ASN E 72 25.34 11.90 20.69
N SER E 73 24.18 12.22 20.16
CA SER E 73 22.90 12.14 20.82
C SER E 73 22.39 10.75 21.13
N LEU E 74 23.19 9.73 20.88
CA LEU E 74 22.76 8.36 21.10
C LEU E 74 23.69 7.61 22.02
N MET E 75 24.71 8.30 22.51
CA MET E 75 25.67 7.67 23.38
C MET E 75 25.27 7.86 24.85
N TRP E 76 25.66 6.91 25.71
CA TRP E 76 25.34 6.91 27.15
C TRP E 76 26.45 6.16 27.82
N ASP E 77 26.59 6.30 29.15
CA ASP E 77 27.52 5.44 29.86
C ASP E 77 26.82 4.18 30.31
N PRO E 78 27.32 3.02 29.86
CA PRO E 78 26.78 1.72 30.31
C PRO E 78 26.57 1.60 31.83
N ASN E 79 27.45 2.24 32.61
CA ASN E 79 27.44 2.13 34.08
C ASN E 79 26.30 2.86 34.78
N GLU E 80 25.70 3.83 34.09
CA GLU E 80 24.53 4.52 34.65
C GLU E 80 23.23 3.78 34.28
N TYR E 81 23.40 2.63 33.63
CA TYR E 81 22.28 1.87 33.07
C TYR E 81 22.57 0.36 33.10
N GLY E 82 23.02 -0.14 34.26
CA GLY E 82 23.13 -1.61 34.47
C GLY E 82 23.98 -2.34 33.44
N ASN E 83 25.05 -1.68 32.97
CA ASN E 83 25.95 -2.20 31.93
C ASN E 83 25.30 -2.67 30.60
N ILE E 84 24.25 -1.96 30.17
CA ILE E 84 23.73 -2.14 28.81
C ILE E 84 24.72 -1.49 27.84
N THR E 85 25.27 -2.30 26.93
CA THR E 85 26.16 -1.76 25.91
C THR E 85 25.51 -1.48 24.54
N ASP E 86 24.24 -1.86 24.36
CA ASP E 86 23.52 -1.71 23.08
C ASP E 86 22.05 -2.06 23.26
N PHE E 87 21.23 -1.70 22.28
CA PHE E 87 19.84 -2.16 22.23
C PHE E 87 19.32 -2.10 20.81
N ARG E 88 18.21 -2.80 20.60
CA ARG E 88 17.51 -2.81 19.37
C ARG E 88 16.32 -1.89 19.40
N THR E 89 16.00 -1.30 18.24
CA THR E 89 14.85 -0.46 18.17
C THR E 89 14.38 -0.43 16.73
N SER E 90 13.08 -0.28 16.56
CA SER E 90 12.47 -0.10 15.28
C SER E 90 13.18 1.06 14.55
N ALA E 91 13.51 0.89 13.26
CA ALA E 91 14.10 1.97 12.50
C ALA E 91 13.21 3.21 12.34
N ALA E 92 11.89 3.03 12.51
CA ALA E 92 10.93 4.20 12.55
C ALA E 92 11.12 5.12 13.79
N ASP E 93 11.67 4.59 14.88
CA ASP E 93 11.86 5.34 16.14
C ASP E 93 13.05 6.32 16.12
N ILE E 94 13.85 6.28 15.05
CA ILE E 94 15.06 7.10 14.97
C ILE E 94 15.18 7.71 13.58
N TRP E 95 16.02 8.74 13.45
CA TRP E 95 16.45 9.26 12.17
C TRP E 95 17.31 8.25 11.42
N THR E 96 17.00 8.02 10.16
CA THR E 96 17.90 7.21 9.32
C THR E 96 18.26 8.01 8.07
N PRO E 97 19.42 7.74 7.44
CA PRO E 97 19.81 8.55 6.27
C PRO E 97 19.00 8.24 5.00
N ASP E 98 18.93 9.19 4.06
CA ASP E 98 18.06 9.01 2.89
C ASP E 98 18.82 8.39 1.72
N ILE E 99 19.58 7.32 1.99
CA ILE E 99 20.39 6.73 0.94
C ILE E 99 19.49 6.07 -0.09
N THR E 100 19.69 6.34 -1.38
CA THR E 100 18.77 5.87 -2.39
C THR E 100 19.50 5.31 -3.59
N ALA E 101 18.99 4.25 -4.20
CA ALA E 101 19.41 3.91 -5.56
C ALA E 101 18.97 4.98 -6.56
N TYR E 102 19.92 5.59 -7.27
CA TYR E 102 19.65 6.65 -8.20
C TYR E 102 19.15 6.14 -9.55
N SER E 103 19.17 4.84 -9.77
CA SER E 103 18.79 4.33 -11.07
C SER E 103 17.81 3.15 -10.96
N SER E 104 17.00 3.13 -9.89
CA SER E 104 15.96 2.12 -9.80
C SER E 104 14.82 2.40 -10.81
N THR E 105 14.03 1.38 -11.12
CA THR E 105 12.91 1.55 -12.02
C THR E 105 11.61 1.16 -11.35
N ARG E 106 11.72 0.73 -10.07
CA ARG E 106 10.55 0.43 -9.25
C ARG E 106 10.81 0.84 -7.84
N PRO E 107 9.74 1.16 -7.06
CA PRO E 107 10.01 1.32 -5.63
C PRO E 107 10.70 0.08 -5.09
N VAL E 108 11.71 0.30 -4.27
CA VAL E 108 12.43 -0.79 -3.61
C VAL E 108 11.47 -1.59 -2.71
N GLN E 109 11.63 -2.92 -2.67
CA GLN E 109 10.81 -3.75 -1.81
C GLN E 109 11.57 -4.18 -0.57
N VAL E 110 10.98 -3.96 0.59
CA VAL E 110 11.61 -4.34 1.81
C VAL E 110 11.25 -5.78 2.15
N LEU E 111 12.27 -6.63 2.33
CA LEU E 111 12.04 -8.05 2.61
C LEU E 111 12.13 -8.40 4.10
N SER E 112 12.50 -7.47 4.93
CA SER E 112 12.74 -7.84 6.31
C SER E 112 12.10 -6.81 7.25
N PRO E 113 12.08 -7.09 8.55
CA PRO E 113 11.79 -6.02 9.50
C PRO E 113 12.83 -4.90 9.37
N GLN E 114 12.45 -3.69 9.81
CA GLN E 114 13.36 -2.54 9.77
C GLN E 114 13.72 -2.15 11.22
N ILE E 115 14.82 -2.75 11.73
CA ILE E 115 15.18 -2.65 13.12
C ILE E 115 16.67 -2.38 13.21
N ALA E 116 17.01 -1.36 13.99
CA ALA E 116 18.41 -1.01 14.17
C ALA E 116 19.00 -1.53 15.47
N VAL E 117 20.34 -1.56 15.54
CA VAL E 117 21.06 -1.76 16.77
C VAL E 117 21.75 -0.46 17.12
N VAL E 118 21.52 0.01 18.34
CA VAL E 118 22.21 1.20 18.85
C VAL E 118 23.19 0.81 19.98
N THR E 119 24.47 1.11 19.79
CA THR E 119 25.54 0.82 20.77
C THR E 119 25.86 2.07 21.57
N HIS E 120 26.44 1.90 22.77
CA HIS E 120 26.61 2.99 23.79
C HIS E 120 27.44 4.15 23.30
N ASP E 121 28.28 3.92 22.28
CA ASP E 121 29.11 4.99 21.70
C ASP E 121 28.35 5.85 20.69
N GLY E 122 27.06 5.54 20.51
CA GLY E 122 26.21 6.27 19.59
C GLY E 122 26.20 5.75 18.14
N SER E 123 26.82 4.60 17.88
CA SER E 123 26.79 3.97 16.56
C SER E 123 25.46 3.34 16.29
N VAL E 124 25.03 3.45 15.05
CA VAL E 124 23.78 2.82 14.65
C VAL E 124 24.06 1.90 13.47
N MET E 125 23.57 0.67 13.58
CA MET E 125 23.68 -0.29 12.46
C MET E 125 22.30 -0.72 12.03
N PHE E 126 22.11 -0.76 10.71
CA PHE E 126 20.83 -1.05 10.16
C PHE E 126 21.08 -1.88 8.92
N ILE E 127 20.50 -3.09 8.90
CA ILE E 127 20.69 -4.01 7.78
C ILE E 127 19.36 -4.59 7.23
N PRO E 128 18.66 -3.78 6.42
CA PRO E 128 17.44 -4.27 5.78
C PRO E 128 17.71 -5.12 4.52
N ALA E 129 16.98 -6.23 4.38
CA ALA E 129 16.98 -6.98 3.12
C ALA E 129 16.07 -6.23 2.11
N GLN E 130 16.50 -6.19 0.87
CA GLN E 130 15.75 -5.49 -0.15
C GLN E 130 15.72 -6.21 -1.49
N ARG E 131 14.67 -5.94 -2.26
CA ARG E 131 14.64 -6.28 -3.67
C ARG E 131 14.58 -5.03 -4.54
N LEU E 132 15.52 -4.91 -5.45
CA LEU E 132 15.65 -3.73 -6.25
C LEU E 132 15.64 -4.11 -7.74
N SER E 133 14.75 -3.45 -8.49
CA SER E 133 14.79 -3.40 -9.95
C SER E 133 15.56 -2.14 -10.37
N PHE E 134 16.55 -2.30 -11.23
CA PHE E 134 17.35 -1.14 -11.66
C PHE E 134 17.76 -1.27 -13.10
N MET E 135 18.13 -0.14 -13.69
CA MET E 135 18.46 -0.08 -15.10
C MET E 135 19.67 -0.95 -15.40
N CYS E 136 19.52 -1.87 -16.32
CA CYS E 136 20.60 -2.79 -16.63
C CYS E 136 20.35 -3.46 -17.97
N ASP E 137 21.32 -3.35 -18.87
CA ASP E 137 21.33 -4.08 -20.13
C ASP E 137 22.01 -5.43 -19.93
N PRO E 138 21.23 -6.52 -19.93
CA PRO E 138 21.83 -7.83 -19.68
C PRO E 138 22.53 -8.49 -20.89
N THR E 139 22.60 -7.77 -22.00
CA THR E 139 23.29 -8.29 -23.21
C THR E 139 24.65 -8.87 -22.83
N GLY E 140 24.90 -10.11 -23.25
CA GLY E 140 26.18 -10.82 -23.03
C GLY E 140 26.09 -11.75 -21.87
N VAL E 141 24.93 -11.81 -21.24
CA VAL E 141 24.74 -12.64 -20.05
C VAL E 141 24.76 -14.12 -20.45
N ASP E 142 24.38 -14.40 -21.69
CA ASP E 142 24.50 -15.77 -22.26
C ASP E 142 25.89 -16.08 -22.90
N SER E 143 26.92 -15.30 -22.58
CA SER E 143 28.28 -15.59 -23.01
C SER E 143 29.19 -15.84 -21.79
N GLU E 144 30.46 -16.13 -22.04
CA GLU E 144 31.37 -16.45 -20.95
C GLU E 144 31.78 -15.22 -20.20
N GLU E 145 31.87 -14.12 -20.91
CA GLU E 145 32.38 -12.86 -20.36
C GLU E 145 31.33 -12.14 -19.48
N GLY E 146 30.06 -12.49 -19.67
CA GLY E 146 29.00 -12.00 -18.84
C GLY E 146 28.46 -10.65 -19.26
N ALA E 147 27.45 -10.17 -18.54
CA ALA E 147 26.97 -8.82 -18.68
C ALA E 147 27.58 -8.03 -17.51
N THR E 148 27.69 -6.72 -17.66
CA THR E 148 28.18 -5.89 -16.55
C THR E 148 27.13 -4.82 -16.31
N CYS E 149 26.71 -4.69 -15.07
CA CYS E 149 25.82 -3.58 -14.72
C CYS E 149 26.23 -2.82 -13.43
N ALA E 150 25.79 -1.59 -13.33
CA ALA E 150 26.20 -0.73 -12.25
C ALA E 150 24.97 -0.01 -11.65
N VAL E 151 24.91 0.16 -10.33
CA VAL E 151 23.88 1.06 -9.78
C VAL E 151 24.46 1.95 -8.71
N LYS E 152 24.20 3.28 -8.85
CA LYS E 152 24.61 4.31 -7.88
C LYS E 152 23.65 4.45 -6.73
N PHE E 153 24.23 4.54 -5.54
CA PHE E 153 23.48 4.94 -4.38
C PHE E 153 24.08 6.23 -3.86
N GLY E 154 23.22 7.15 -3.37
CA GLY E 154 23.68 8.37 -2.71
C GLY E 154 22.57 8.93 -1.88
N SER E 155 22.88 9.92 -1.02
CA SER E 155 21.82 10.69 -0.35
C SER E 155 20.88 11.33 -1.37
N TRP E 156 19.60 11.42 -1.05
CA TRP E 156 18.67 12.13 -1.97
C TRP E 156 18.79 13.65 -1.91
N VAL E 157 19.05 14.17 -0.71
CA VAL E 157 19.05 15.62 -0.53
C VAL E 157 20.25 16.19 0.18
N TYR E 158 21.17 15.35 0.67
CA TYR E 158 22.40 15.87 1.32
C TYR E 158 23.64 15.77 0.40
N SER E 159 24.44 16.84 0.43
CA SER E 159 25.69 16.87 -0.31
C SER E 159 26.74 16.21 0.58
N GLY E 160 27.95 16.02 0.03
CA GLY E 160 29.11 15.51 0.78
C GLY E 160 29.52 16.34 1.99
N PHE E 161 29.08 17.61 2.04
CA PHE E 161 29.29 18.47 3.24
C PHE E 161 28.38 18.14 4.42
N GLU E 162 27.24 17.50 4.18
CA GLU E 162 26.36 17.14 5.28
C GLU E 162 26.29 15.64 5.49
N ILE E 163 26.35 14.87 4.41
CA ILE E 163 26.49 13.43 4.58
C ILE E 163 27.71 12.92 3.85
N ASP E 164 28.64 12.39 4.61
CA ASP E 164 29.88 11.89 4.04
C ASP E 164 29.72 10.38 3.86
N LEU E 165 29.31 10.00 2.65
CA LEU E 165 28.95 8.65 2.35
C LEU E 165 30.22 7.89 2.01
N LYS E 166 30.47 6.75 2.67
CA LYS E 166 31.57 5.89 2.26
C LYS E 166 31.23 4.40 2.33
N THR E 167 32.13 3.55 1.77
CA THR E 167 32.00 2.08 1.81
C THR E 167 32.82 1.53 2.98
N ASP E 168 32.42 0.39 3.55
CA ASP E 168 33.30 -0.20 4.59
C ASP E 168 34.47 -0.93 3.98
N THR E 169 35.38 -1.35 4.84
CA THR E 169 36.59 -2.06 4.44
C THR E 169 36.28 -3.21 3.46
N ASP E 170 35.39 -4.09 3.92
CA ASP E 170 35.19 -5.37 3.25
C ASP E 170 34.82 -5.13 1.78
N GLN E 171 35.39 -5.93 0.91
CA GLN E 171 34.93 -6.05 -0.47
C GLN E 171 33.46 -6.47 -0.41
N VAL E 172 32.80 -6.58 -1.57
CA VAL E 172 31.40 -7.02 -1.64
C VAL E 172 31.30 -8.46 -1.07
N ASP E 173 30.33 -8.69 -0.16
CA ASP E 173 30.09 -10.02 0.44
C ASP E 173 29.41 -10.97 -0.56
N LEU E 174 30.13 -12.02 -0.98
CA LEU E 174 29.60 -12.96 -1.95
C LEU E 174 29.32 -14.35 -1.36
N SER E 175 29.48 -14.49 -0.05
CA SER E 175 29.50 -15.78 0.61
C SER E 175 28.07 -16.24 0.87
N SER E 176 27.13 -15.34 0.80
CA SER E 176 25.75 -15.71 0.95
C SER E 176 25.03 -15.65 -0.42
N TYR E 177 25.79 -15.56 -1.51
CA TYR E 177 25.14 -15.49 -2.78
C TYR E 177 24.58 -16.87 -3.08
N TYR E 178 23.30 -16.91 -3.45
CA TYR E 178 22.57 -18.15 -3.74
C TYR E 178 23.25 -19.01 -4.80
N ALA E 179 23.78 -20.15 -4.36
CA ALA E 179 24.54 -21.06 -5.24
C ALA E 179 23.75 -21.61 -6.42
N SER E 180 22.41 -21.63 -6.35
CA SER E 180 21.61 -22.21 -7.46
C SER E 180 20.80 -21.15 -8.19
N SER E 181 21.24 -19.91 -8.09
CA SER E 181 20.61 -18.82 -8.80
C SER E 181 20.64 -19.10 -10.26
N LYS E 182 19.71 -18.53 -11.01
CA LYS E 182 19.79 -18.58 -12.47
C LYS E 182 21.02 -17.81 -12.97
N TYR E 183 21.57 -16.92 -12.12
CA TYR E 183 22.79 -16.18 -12.53
C TYR E 183 23.91 -16.33 -11.51
N GLU E 184 25.11 -16.51 -12.00
CA GLU E 184 26.28 -16.47 -11.09
C GLU E 184 27.02 -15.10 -11.10
N ILE E 185 27.56 -14.72 -9.96
CA ILE E 185 28.33 -13.48 -9.91
C ILE E 185 29.75 -13.78 -10.23
N LEU E 186 30.24 -13.21 -11.34
CA LEU E 186 31.67 -13.28 -11.67
C LEU E 186 32.50 -12.30 -10.82
N SER E 187 32.02 -11.07 -10.60
CA SER E 187 32.67 -10.15 -9.63
C SER E 187 31.73 -9.08 -9.25
N ALA E 188 31.96 -8.52 -8.08
CA ALA E 188 31.17 -7.39 -7.64
C ALA E 188 32.09 -6.46 -6.85
N THR E 189 32.01 -5.14 -7.14
CA THR E 189 32.77 -4.16 -6.40
C THR E 189 31.87 -3.06 -5.82
N GLN E 190 32.28 -2.51 -4.68
CA GLN E 190 31.63 -1.32 -4.15
C GLN E 190 32.70 -0.21 -3.90
N THR E 191 32.52 0.93 -4.59
CA THR E 191 33.46 2.04 -4.53
C THR E 191 32.72 3.38 -4.50
N ARG E 192 33.40 4.32 -3.89
CA ARG E 192 32.89 5.64 -3.65
C ARG E 192 33.39 6.55 -4.77
N GLN E 193 32.56 7.48 -5.18
CA GLN E 193 32.99 8.49 -6.11
C GLN E 193 32.67 9.90 -5.55
N VAL E 194 33.64 10.80 -5.61
CA VAL E 194 33.47 12.18 -5.20
C VAL E 194 33.55 13.10 -6.41
N GLN E 195 32.51 13.92 -6.56
CA GLN E 195 32.27 14.64 -7.77
C GLN E 195 32.15 16.16 -7.50
N HIS E 196 32.76 17.01 -8.35
CA HIS E 196 32.65 18.50 -8.22
C HIS E 196 32.26 19.14 -9.49
N TYR E 197 31.25 20.00 -9.42
CA TYR E 197 30.71 20.73 -10.58
C TYR E 197 31.14 22.18 -10.48
N SER E 198 31.47 22.80 -11.61
CA SER E 198 31.97 24.20 -11.59
C SER E 198 30.95 25.19 -11.03
N CYS E 199 29.66 25.04 -11.40
CA CYS E 199 28.55 25.80 -10.79
C CYS E 199 28.62 25.90 -9.27
N CYS E 200 29.07 24.83 -8.59
CA CYS E 200 28.70 24.64 -7.18
C CYS E 200 29.87 24.30 -6.30
N PRO E 201 29.89 24.78 -5.04
CA PRO E 201 31.03 24.48 -4.16
C PRO E 201 31.04 23.09 -3.51
N GLU E 202 29.92 22.35 -3.54
CA GLU E 202 29.83 21.14 -2.69
C GLU E 202 30.39 19.87 -3.34
N PRO E 203 30.97 18.97 -2.51
CA PRO E 203 31.29 17.65 -3.05
C PRO E 203 30.02 16.77 -3.11
N TYR E 204 29.82 16.07 -4.24
CA TYR E 204 28.71 15.17 -4.40
C TYR E 204 29.19 13.71 -4.45
N ILE E 205 28.69 12.91 -3.52
CA ILE E 205 29.20 11.57 -3.30
C ILE E 205 28.18 10.53 -3.68
N ASP E 206 28.64 9.50 -4.41
CA ASP E 206 27.84 8.32 -4.64
C ASP E 206 28.70 7.03 -4.60
N VAL E 207 28.10 5.94 -4.13
CA VAL E 207 28.71 4.63 -4.06
C VAL E 207 28.18 3.83 -5.24
N ASN E 208 29.09 3.32 -6.04
CA ASN E 208 28.70 2.44 -7.11
C ASN E 208 28.87 0.95 -6.83
N LEU E 209 27.79 0.21 -7.03
CA LEU E 209 27.82 -1.22 -6.95
C LEU E 209 27.84 -1.70 -8.40
N VAL E 210 28.99 -2.28 -8.80
CA VAL E 210 29.20 -2.76 -10.15
C VAL E 210 29.19 -4.30 -10.04
N VAL E 211 28.30 -4.93 -10.78
CA VAL E 211 28.22 -6.37 -10.76
C VAL E 211 28.43 -6.92 -12.17
N LYS E 212 29.25 -7.96 -12.23
CA LYS E 212 29.51 -8.69 -13.48
C LYS E 212 28.92 -10.09 -13.31
N PHE E 213 28.01 -10.44 -14.20
CA PHE E 213 27.18 -11.65 -14.01
C PHE E 213 26.84 -12.37 -15.32
N ARG E 214 26.56 -13.66 -15.22
CA ARG E 214 26.20 -14.46 -16.38
C ARG E 214 25.24 -15.62 -16.03
N GLU E 215 24.59 -16.16 -17.06
CA GLU E 215 23.76 -17.37 -16.91
C GLU E 215 24.58 -18.53 -16.32
N ARG E 216 24.07 -19.13 -15.24
CA ARG E 216 24.77 -20.21 -14.55
C ARG E 216 25.04 -21.45 -15.44
N GLY F 1 -30.79 -7.41 -6.49
CA GLY F 1 -31.34 -6.15 -5.91
C GLY F 1 -32.74 -6.60 -5.79
N CYS F 2 -33.24 -6.77 -4.58
CA CYS F 2 -32.61 -6.24 -3.37
C CYS F 2 -31.19 -6.72 -3.03
N CYS F 3 -30.94 -8.01 -3.17
CA CYS F 3 -29.73 -8.55 -2.64
C CYS F 3 -28.52 -8.26 -3.49
N SER F 4 -28.79 -7.79 -4.70
CA SER F 4 -27.72 -7.43 -5.58
C SER F 4 -27.50 -5.92 -5.62
N THR F 5 -28.22 -5.20 -4.75
CA THR F 5 -28.08 -3.75 -4.58
C THR F 5 -27.61 -3.48 -3.17
N PRO F 6 -26.31 -3.14 -3.03
CA PRO F 6 -25.65 -3.13 -1.71
C PRO F 6 -26.35 -2.30 -0.63
N PRO F 7 -26.85 -1.09 -0.97
CA PRO F 7 -27.54 -0.38 0.13
C PRO F 7 -28.93 -0.97 0.46
N CYS F 8 -29.48 -1.82 -0.42
CA CYS F 8 -30.70 -2.58 -0.11
C CYS F 8 -30.35 -3.86 0.65
N ALA F 9 -29.39 -4.61 0.10
CA ALA F 9 -28.95 -5.87 0.70
C ALA F 9 -28.49 -5.69 2.15
N VAL F 10 -27.82 -4.58 2.44
CA VAL F 10 -27.32 -4.36 3.79
C VAL F 10 -28.45 -4.31 4.83
N LEU F 11 -29.67 -4.05 4.38
CA LEU F 11 -30.80 -3.85 5.28
C LEU F 11 -31.71 -5.05 5.36
N TYR F 12 -31.89 -5.77 4.25
CA TYR F 12 -32.89 -6.83 4.16
C TYR F 12 -32.41 -8.20 3.71
N CYS F 13 -31.15 -8.35 3.34
CA CYS F 13 -30.63 -9.69 2.99
C CYS F 13 -29.68 -10.14 4.07
N GLY G 1 -8.41 -29.49 11.69
CA GLY G 1 -8.05 -29.16 13.09
C GLY G 1 -7.33 -30.31 13.75
N CYS G 2 -6.63 -30.04 14.85
CA CYS G 2 -6.73 -28.78 15.58
C CYS G 2 -5.70 -27.74 15.13
N CYS G 3 -4.49 -28.19 14.78
CA CYS G 3 -3.38 -27.27 14.48
C CYS G 3 -3.48 -26.64 13.09
N SER G 4 -4.52 -27.01 12.35
CA SER G 4 -4.78 -26.41 11.04
C SER G 4 -6.13 -25.65 11.03
N THR G 5 -6.67 -25.48 12.23
CA THR G 5 -7.86 -24.70 12.45
C THR G 5 -7.41 -23.52 13.28
N PRO G 6 -7.20 -22.38 12.62
CA PRO G 6 -6.54 -21.22 13.27
C PRO G 6 -6.99 -20.95 14.73
N PRO G 7 -8.32 -20.85 15.02
CA PRO G 7 -8.72 -20.57 16.41
C PRO G 7 -8.44 -21.70 17.41
N CYS G 8 -8.34 -22.94 16.90
CA CYS G 8 -7.81 -24.04 17.74
C CYS G 8 -6.30 -23.96 17.92
N ALA G 9 -5.61 -23.77 16.80
CA ALA G 9 -4.14 -23.74 16.78
C ALA G 9 -3.62 -22.74 17.76
N VAL G 10 -4.18 -21.52 17.73
CA VAL G 10 -3.73 -20.40 18.58
C VAL G 10 -3.95 -20.59 20.09
N LEU G 11 -4.38 -21.80 20.48
CA LEU G 11 -4.66 -22.12 21.88
C LEU G 11 -3.86 -23.34 22.32
N TYR G 12 -3.63 -24.26 21.42
CA TYR G 12 -3.14 -25.58 21.74
C TYR G 12 -2.02 -26.05 20.83
N CYS G 13 -1.23 -25.09 20.31
CA CYS G 13 -0.09 -25.35 19.43
C CYS G 13 0.93 -24.19 19.53
N GLY H 1 29.36 -15.70 5.63
CA GLY H 1 29.86 -16.06 6.99
C GLY H 1 29.00 -15.42 8.08
N CYS H 2 29.60 -14.51 8.86
CA CYS H 2 28.79 -13.79 9.83
C CYS H 2 27.95 -12.70 9.16
N CYS H 3 28.41 -12.20 8.03
CA CYS H 3 27.74 -11.09 7.39
C CYS H 3 26.56 -11.55 6.54
N SER H 4 26.43 -12.86 6.37
CA SER H 4 25.26 -13.47 5.76
C SER H 4 24.11 -13.69 6.78
N THR H 5 24.43 -13.61 8.09
CA THR H 5 23.44 -13.84 9.16
C THR H 5 23.00 -12.49 9.74
N PRO H 6 21.76 -12.07 9.43
CA PRO H 6 21.34 -10.72 9.80
C PRO H 6 21.68 -10.27 11.24
N PRO H 7 21.30 -11.07 12.28
CA PRO H 7 21.62 -10.63 13.66
C PRO H 7 23.12 -10.63 14.04
N CYS H 8 23.98 -11.31 13.27
CA CYS H 8 25.45 -11.22 13.45
C CYS H 8 26.01 -10.05 12.67
N ALA H 9 25.59 -9.94 11.41
CA ALA H 9 26.07 -8.86 10.52
C ALA H 9 25.81 -7.50 11.14
N VAL H 10 24.61 -7.30 11.70
CA VAL H 10 24.27 -6.04 12.35
C VAL H 10 25.20 -5.61 13.50
N LEU H 11 25.80 -6.57 14.23
CA LEU H 11 26.74 -6.20 15.29
C LEU H 11 28.20 -6.02 14.79
N TYR H 12 28.61 -6.77 13.77
CA TYR H 12 30.05 -6.92 13.51
C TYR H 12 30.48 -6.68 12.06
N CYS H 13 29.53 -6.45 11.17
CA CYS H 13 29.85 -6.10 9.79
C CYS H 13 29.44 -4.63 9.43
N GLY I 1 25.49 16.06 -14.59
CA GLY I 1 25.51 17.51 -14.25
C GLY I 1 24.96 17.70 -12.85
N CYS I 2 24.95 18.94 -12.39
CA CYS I 2 24.30 19.27 -11.14
C CYS I 2 22.80 18.89 -11.13
N CYS I 3 22.13 19.09 -12.26
CA CYS I 3 20.67 18.94 -12.30
C CYS I 3 20.17 17.48 -12.41
N SER I 4 21.08 16.60 -12.73
CA SER I 4 20.75 15.21 -12.74
C SER I 4 21.33 14.53 -11.45
N THR I 5 21.92 15.33 -10.56
CA THR I 5 22.36 14.84 -9.25
C THR I 5 21.39 15.41 -8.21
N PRO I 6 20.48 14.56 -7.67
CA PRO I 6 19.40 15.03 -6.77
C PRO I 6 19.84 16.01 -5.65
N PRO I 7 20.89 15.70 -4.86
CA PRO I 7 21.22 16.69 -3.79
C PRO I 7 21.83 17.98 -4.31
N CYS I 8 22.28 17.99 -5.54
CA CYS I 8 22.73 19.23 -6.16
C CYS I 8 21.52 19.96 -6.78
N ALA I 9 20.70 19.20 -7.50
CA ALA I 9 19.54 19.77 -8.18
C ALA I 9 18.57 20.46 -7.22
N VAL I 10 18.36 19.84 -6.06
CA VAL I 10 17.40 20.34 -5.12
C VAL I 10 17.86 21.68 -4.55
N LEU I 11 19.11 22.02 -4.86
CA LEU I 11 19.75 23.18 -4.27
C LEU I 11 19.91 24.28 -5.26
N TYR I 12 20.23 23.94 -6.51
CA TYR I 12 20.61 24.94 -7.50
C TYR I 12 19.88 24.83 -8.81
N CYS I 13 18.90 23.95 -8.89
CA CYS I 13 18.17 23.79 -10.14
C CYS I 13 16.69 24.08 -9.93
N GLY J 1 -10.70 20.92 -22.35
CA GLY J 1 -11.71 21.31 -21.32
C GLY J 1 -12.91 21.91 -22.01
N CYS J 2 -13.62 22.80 -21.31
CA CYS J 2 -13.40 23.06 -19.91
C CYS J 2 -13.51 21.77 -19.08
N CYS J 3 -14.40 20.87 -19.49
CA CYS J 3 -14.79 19.78 -18.62
C CYS J 3 -13.79 18.64 -18.65
N SER J 4 -12.90 18.69 -19.62
CA SER J 4 -11.81 17.74 -19.64
C SER J 4 -10.52 18.35 -19.03
N THR J 5 -10.65 19.57 -18.48
CA THR J 5 -9.59 20.20 -17.73
C THR J 5 -9.98 20.20 -16.23
N PRO J 6 -9.33 19.32 -15.42
CA PRO J 6 -9.67 19.12 -14.02
C PRO J 6 -9.91 20.41 -13.25
N PRO J 7 -8.95 21.36 -13.27
CA PRO J 7 -9.25 22.60 -12.49
C PRO J 7 -10.35 23.53 -13.08
N CYS J 8 -10.73 23.33 -14.35
CA CYS J 8 -11.92 24.01 -14.87
C CYS J 8 -13.20 23.23 -14.55
N ALA J 9 -13.16 21.91 -14.79
CA ALA J 9 -14.32 21.06 -14.58
C ALA J 9 -14.81 21.16 -13.16
N VAL J 10 -13.88 21.16 -12.22
CA VAL J 10 -14.18 21.14 -10.79
C VAL J 10 -14.95 22.41 -10.32
N LEU J 11 -14.96 23.46 -11.15
CA LEU J 11 -15.71 24.68 -10.85
C LEU J 11 -17.01 24.77 -11.63
N TYR J 12 -17.02 24.31 -12.88
CA TYR J 12 -18.07 24.61 -13.84
C TYR J 12 -18.74 23.41 -14.46
N CYS J 13 -18.28 22.20 -14.15
CA CYS J 13 -19.01 21.02 -14.59
C CYS J 13 -19.33 20.17 -13.36
#